data_3DOR
#
_entry.id   3DOR
#
_cell.length_a   61.300
_cell.length_b   152.370
_cell.length_c   162.580
_cell.angle_alpha   90.00
_cell.angle_beta   90.00
_cell.angle_gamma   90.00
#
_symmetry.space_group_name_H-M   'P 21 21 21'
#
loop_
_entity.id
_entity.type
_entity.pdbx_description
1 polymer 'Protein CT_858'
2 non-polymer 'SULFATE ION'
3 water water
#
_entity_poly.entity_id   1
_entity_poly.type   'polypeptide(L)'
_entity_poly.pdbx_seq_one_letter_code
;SLVCKNALQDLSFLEHLLQVKYAPKTWKEQYLGWDLVQSSVSAQQKLRTQENPSTSFCQQVLADFIGGLNDFHAGVTFFA
IESAYLPYTVQKSSDGRFYFVDIMTFSSEIRVGDELLEVDGAPVQDVLATLYGSNHKGTAAEESAALRTLFSRMASLGHK
VPSGRTTLKIRRPFGTTREVRVKWRYVPEGVGDLATIAPSIRAPQLQKSMRSFFPKKDDAFHRSSSLFYSPMVPHFWAEL
RNHYATSGLKSGYNIGSTDGFLPVIGPVIWESEGLFRAYISSVTDGDGKSHKVGFLRIPTYSWQDMEDFDPSGPPPWEEF
AKIIQVFSSNTEALIIDQTNNPGGSVLYLYALLSMLTDRPLELPKHRMILTQDEVVDALDWLTLLENVDTNVESRLALGD
NMEGYTVDLQVAEYLKSFGRQVLNCWSKGDIELSTPIPLFGFEKIHPHPRVQYSKPICVLINEQDFSCADFFPVVLKDND
RALIVGTRTAGAGGFVFNVQFPNRTGIKTCSLTGSLAVREHGAFIENIGVEPHIDLPFTANDIRYKGYSEYLDKVKKLVC
QLINNDGTIILAEDGSFHHHHHH
;
_entity_poly.pdbx_strand_id   A,B
#
loop_
_chem_comp.id
_chem_comp.type
_chem_comp.name
_chem_comp.formula
SO4 non-polymer 'SULFATE ION' 'O4 S -2'
#
# COMPACT_ATOMS: atom_id res chain seq x y z
N SER A 1 -9.38 30.50 6.61
CA SER A 1 -10.26 29.30 6.53
C SER A 1 -9.46 28.00 6.61
N LEU A 2 -9.79 27.17 7.59
CA LEU A 2 -9.11 25.89 7.78
C LEU A 2 -9.09 25.08 6.48
N VAL A 3 -10.25 25.02 5.82
CA VAL A 3 -10.37 24.28 4.56
C VAL A 3 -9.47 24.87 3.50
N CYS A 4 -9.52 26.19 3.33
CA CYS A 4 -8.69 26.86 2.34
C CYS A 4 -7.21 26.57 2.56
N LYS A 5 -6.76 26.69 3.81
CA LYS A 5 -5.36 26.45 4.13
C LYS A 5 -4.94 25.00 3.84
N ASN A 6 -5.79 24.04 4.16
CA ASN A 6 -5.45 22.65 3.90
C ASN A 6 -5.40 22.40 2.39
N ALA A 7 -6.34 22.99 1.67
CA ALA A 7 -6.40 22.85 0.22
C ALA A 7 -5.15 23.42 -0.42
N LEU A 8 -4.71 24.58 0.07
CA LEU A 8 -3.50 25.21 -0.45
C LEU A 8 -2.33 24.29 -0.14
N GLN A 9 -2.29 23.78 1.09
CA GLN A 9 -1.22 22.87 1.50
C GLN A 9 -1.19 21.65 0.56
N ASP A 10 -2.33 20.98 0.42
CA ASP A 10 -2.39 19.80 -0.44
C ASP A 10 -2.08 20.14 -1.91
N LEU A 11 -2.48 21.33 -2.35
CA LEU A 11 -2.20 21.76 -3.71
C LEU A 11 -0.69 21.87 -3.90
N SER A 12 -0.01 22.49 -2.94
CA SER A 12 1.43 22.65 -3.01
C SER A 12 2.12 21.30 -3.03
N PHE A 13 1.50 20.29 -2.42
CA PHE A 13 2.09 18.96 -2.40
C PHE A 13 1.95 18.35 -3.79
N LEU A 14 0.75 18.42 -4.36
CA LEU A 14 0.53 17.88 -5.69
C LEU A 14 1.49 18.58 -6.67
N GLU A 15 1.67 19.88 -6.48
CA GLU A 15 2.56 20.65 -7.35
C GLU A 15 4.00 20.14 -7.27
N HIS A 16 4.44 19.75 -6.08
CA HIS A 16 5.79 19.25 -5.93
C HIS A 16 5.95 17.88 -6.59
N LEU A 17 4.90 17.06 -6.53
CA LEU A 17 4.93 15.74 -7.14
C LEU A 17 5.07 15.87 -8.67
N LEU A 18 4.40 16.88 -9.22
CA LEU A 18 4.47 17.09 -10.66
C LEU A 18 5.88 17.40 -11.11
N GLN A 19 6.67 18.01 -10.23
CA GLN A 19 8.04 18.35 -10.58
C GLN A 19 9.06 17.25 -10.31
N VAL A 20 8.75 16.31 -9.42
CA VAL A 20 9.70 15.24 -9.15
C VAL A 20 9.32 13.86 -9.66
N LYS A 21 8.03 13.66 -9.98
CA LYS A 21 7.60 12.35 -10.45
C LYS A 21 6.58 12.31 -11.58
N TYR A 22 6.56 13.32 -12.44
CA TYR A 22 5.63 13.33 -13.56
C TYR A 22 6.47 13.40 -14.84
N ALA A 23 6.72 12.24 -15.43
CA ALA A 23 7.54 12.14 -16.64
C ALA A 23 7.08 12.96 -17.85
N PRO A 24 5.77 12.94 -18.17
CA PRO A 24 5.33 13.72 -19.33
C PRO A 24 5.25 15.24 -19.17
N LYS A 25 5.86 15.76 -18.12
CA LYS A 25 5.85 17.20 -17.87
C LYS A 25 6.30 18.06 -19.06
N THR A 26 7.44 17.72 -19.64
CA THR A 26 7.98 18.49 -20.78
C THR A 26 7.04 18.42 -21.98
N TRP A 27 6.48 17.24 -22.22
CA TRP A 27 5.56 17.02 -23.32
C TRP A 27 4.32 17.92 -23.19
N LYS A 28 3.71 17.91 -22.01
CA LYS A 28 2.52 18.71 -21.79
C LYS A 28 2.82 20.20 -22.00
N GLU A 29 4.04 20.61 -21.71
CA GLU A 29 4.43 22.00 -21.87
C GLU A 29 4.42 22.40 -23.35
N GLN A 30 4.95 21.53 -24.20
CA GLN A 30 4.99 21.81 -25.63
C GLN A 30 3.70 21.42 -26.35
N TYR A 31 3.23 20.21 -26.13
CA TYR A 31 2.00 19.73 -26.78
C TYR A 31 0.74 20.53 -26.42
N LEU A 32 0.64 20.95 -25.16
CA LEU A 32 -0.54 21.69 -24.69
C LEU A 32 -0.29 23.14 -24.33
N GLY A 33 0.98 23.53 -24.25
CA GLY A 33 1.29 24.89 -23.87
C GLY A 33 1.04 25.07 -22.38
N TRP A 34 1.02 23.95 -21.66
CA TRP A 34 0.78 23.93 -20.22
C TRP A 34 2.00 24.39 -19.43
N ASP A 35 1.75 25.12 -18.35
CA ASP A 35 2.82 25.63 -17.47
C ASP A 35 2.44 25.34 -16.02
N LEU A 36 3.34 24.66 -15.30
CA LEU A 36 3.10 24.30 -13.91
C LEU A 36 2.86 25.47 -12.95
N VAL A 37 3.76 26.45 -12.95
CA VAL A 37 3.63 27.60 -12.08
C VAL A 37 2.36 28.38 -12.41
N GLN A 38 2.05 28.46 -13.70
CA GLN A 38 0.87 29.17 -14.18
C GLN A 38 -0.39 28.55 -13.54
N SER A 39 -0.60 27.26 -13.83
CA SER A 39 -1.76 26.53 -13.33
C SER A 39 -1.82 26.54 -11.80
N SER A 40 -0.67 26.33 -11.18
CA SER A 40 -0.60 26.33 -9.73
C SER A 40 -1.16 27.65 -9.19
N VAL A 41 -0.54 28.76 -9.61
CA VAL A 41 -0.98 30.07 -9.18
C VAL A 41 -2.47 30.23 -9.44
N SER A 42 -2.87 29.89 -10.66
CA SER A 42 -4.27 29.98 -11.06
C SER A 42 -5.17 29.21 -10.09
N ALA A 43 -4.76 27.99 -9.75
CA ALA A 43 -5.56 27.17 -8.84
C ALA A 43 -5.56 27.79 -7.44
N GLN A 44 -4.42 28.33 -7.03
CA GLN A 44 -4.30 28.97 -5.72
C GLN A 44 -5.28 30.13 -5.64
N GLN A 45 -5.42 30.85 -6.75
CA GLN A 45 -6.30 32.00 -6.82
C GLN A 45 -7.77 31.65 -6.56
N LYS A 46 -8.26 30.61 -7.24
CA LYS A 46 -9.66 30.21 -7.06
C LYS A 46 -9.92 29.85 -5.61
N LEU A 47 -8.94 29.23 -4.97
CA LEU A 47 -9.05 28.83 -3.58
C LEU A 47 -9.15 30.03 -2.65
N ARG A 48 -8.21 30.96 -2.79
CA ARG A 48 -8.18 32.17 -1.96
C ARG A 48 -9.35 33.12 -2.19
N THR A 49 -9.89 33.12 -3.42
CA THR A 49 -11.00 34.00 -3.77
C THR A 49 -12.34 33.60 -3.18
N GLN A 50 -12.61 32.29 -3.15
CA GLN A 50 -13.86 31.79 -2.60
C GLN A 50 -14.20 32.27 -1.20
N GLU A 51 -15.48 32.53 -0.97
CA GLU A 51 -15.95 32.96 0.35
C GLU A 51 -16.26 31.71 1.15
N ASN A 52 -15.51 31.45 2.21
CA ASN A 52 -15.74 30.27 3.03
C ASN A 52 -15.95 29.08 2.11
N PRO A 53 -14.91 28.72 1.32
CA PRO A 53 -15.00 27.60 0.39
C PRO A 53 -15.35 26.28 1.07
N SER A 54 -16.13 25.45 0.37
CA SER A 54 -16.50 24.15 0.92
C SER A 54 -15.42 23.15 0.50
N THR A 55 -15.38 22.02 1.20
CA THR A 55 -14.40 20.98 0.90
C THR A 55 -14.60 20.54 -0.56
N SER A 56 -15.84 20.29 -0.94
CA SER A 56 -16.14 19.85 -2.29
C SER A 56 -15.68 20.86 -3.33
N PHE A 57 -15.75 22.15 -3.00
CA PHE A 57 -15.29 23.16 -3.95
C PHE A 57 -13.80 23.02 -4.15
N CYS A 58 -13.07 22.86 -3.05
CA CYS A 58 -11.63 22.73 -3.10
C CYS A 58 -11.23 21.45 -3.83
N GLN A 59 -11.98 20.38 -3.57
CA GLN A 59 -11.68 19.11 -4.24
C GLN A 59 -11.85 19.32 -5.76
N GLN A 60 -12.89 20.06 -6.13
CA GLN A 60 -13.15 20.33 -7.54
C GLN A 60 -11.98 21.09 -8.14
N VAL A 61 -11.48 22.08 -7.40
CA VAL A 61 -10.35 22.88 -7.87
C VAL A 61 -9.11 22.04 -8.08
N LEU A 62 -8.80 21.17 -7.13
CA LEU A 62 -7.59 20.35 -7.28
C LEU A 62 -7.78 19.34 -8.40
N ALA A 63 -8.99 18.80 -8.52
CA ALA A 63 -9.30 17.83 -9.56
C ALA A 63 -9.12 18.48 -10.93
N ASP A 64 -9.57 19.72 -11.07
CA ASP A 64 -9.43 20.40 -12.35
C ASP A 64 -7.95 20.71 -12.60
N PHE A 65 -7.23 21.04 -11.54
CA PHE A 65 -5.80 21.33 -11.64
C PHE A 65 -5.11 20.13 -12.27
N ILE A 66 -5.34 18.94 -11.72
CA ILE A 66 -4.73 17.73 -12.26
C ILE A 66 -5.34 17.43 -13.64
N GLY A 67 -6.63 17.69 -13.79
CA GLY A 67 -7.28 17.44 -15.06
C GLY A 67 -6.66 18.27 -16.19
N GLY A 68 -6.07 19.41 -15.83
CA GLY A 68 -5.47 20.28 -16.82
C GLY A 68 -4.31 19.63 -17.54
N LEU A 69 -3.78 18.55 -16.97
CA LEU A 69 -2.66 17.85 -17.60
C LEU A 69 -3.07 17.09 -18.86
N ASN A 70 -4.38 16.94 -19.08
CA ASN A 70 -4.89 16.24 -20.25
C ASN A 70 -4.14 14.92 -20.40
N ASP A 71 -4.11 14.18 -19.29
CA ASP A 71 -3.44 12.89 -19.18
C ASP A 71 -4.47 11.92 -18.61
N PHE A 72 -4.82 10.88 -19.38
CA PHE A 72 -5.82 9.92 -18.92
C PHE A 72 -5.42 9.09 -17.69
N HIS A 73 -4.10 9.02 -17.37
CA HIS A 73 -3.60 8.30 -16.18
C HIS A 73 -3.63 9.25 -14.98
N ALA A 74 -3.44 10.53 -15.22
CA ALA A 74 -3.39 11.47 -14.15
C ALA A 74 -4.80 11.96 -13.68
N GLY A 75 -5.12 11.76 -12.39
CA GLY A 75 -6.36 12.24 -11.83
C GLY A 75 -6.31 12.15 -10.31
N VAL A 76 -7.33 12.72 -9.69
CA VAL A 76 -7.42 12.71 -8.24
C VAL A 76 -8.77 12.16 -7.82
N THR A 77 -8.76 11.28 -6.82
CA THR A 77 -10.01 10.73 -6.32
C THR A 77 -10.13 11.17 -4.87
N PHE A 78 -11.35 11.28 -4.36
CA PHE A 78 -11.54 11.73 -2.99
C PHE A 78 -12.39 10.81 -2.16
N PHE A 79 -12.27 10.96 -0.84
CA PHE A 79 -13.07 10.18 0.10
C PHE A 79 -14.42 10.91 0.19
N ALA A 80 -15.25 10.71 -0.82
CA ALA A 80 -16.57 11.34 -0.89
C ALA A 80 -17.50 10.40 -1.64
N ILE A 81 -18.74 10.26 -1.17
CA ILE A 81 -19.66 9.34 -1.83
C ILE A 81 -20.84 9.99 -2.56
N GLU A 82 -20.93 11.32 -2.54
CA GLU A 82 -22.03 11.99 -3.21
C GLU A 82 -21.97 11.67 -4.70
N SER A 83 -23.10 11.28 -5.27
CA SER A 83 -23.14 10.95 -6.69
C SER A 83 -24.54 11.12 -7.28
N ALA A 84 -24.60 11.27 -8.60
CA ALA A 84 -25.86 11.44 -9.32
C ALA A 84 -25.79 10.53 -10.55
N TYR A 85 -26.87 9.80 -10.80
CA TYR A 85 -26.90 8.86 -11.91
C TYR A 85 -28.24 8.78 -12.66
N LEU A 86 -28.16 8.61 -13.97
CA LEU A 86 -29.33 8.42 -14.83
C LEU A 86 -29.06 7.09 -15.56
N PRO A 87 -30.05 6.20 -15.62
CA PRO A 87 -29.98 4.88 -16.25
C PRO A 87 -29.92 4.77 -17.76
N TYR A 88 -29.02 5.51 -18.40
CA TYR A 88 -28.90 5.45 -19.84
C TYR A 88 -27.45 5.53 -20.29
N THR A 89 -27.17 4.92 -21.43
CA THR A 89 -25.85 4.98 -22.01
C THR A 89 -26.05 5.51 -23.43
N VAL A 90 -25.37 6.60 -23.74
CA VAL A 90 -25.47 7.22 -25.04
C VAL A 90 -24.12 7.15 -25.76
N GLN A 91 -24.16 6.92 -27.07
CA GLN A 91 -22.95 6.85 -27.88
C GLN A 91 -23.03 7.80 -29.07
N LYS A 92 -21.92 8.42 -29.42
CA LYS A 92 -21.86 9.37 -30.51
C LYS A 92 -21.51 8.71 -31.85
N SER A 93 -22.30 8.99 -32.88
CA SER A 93 -22.05 8.42 -34.21
C SER A 93 -21.03 9.25 -34.96
N SER A 94 -20.48 8.69 -36.03
CA SER A 94 -19.49 9.39 -36.85
C SER A 94 -20.06 10.65 -37.50
N ASP A 95 -21.38 10.72 -37.60
CA ASP A 95 -22.02 11.89 -38.20
C ASP A 95 -22.20 12.95 -37.13
N GLY A 96 -21.83 12.61 -35.89
CA GLY A 96 -21.93 13.58 -34.80
C GLY A 96 -23.20 13.57 -33.96
N ARG A 97 -24.09 12.63 -34.19
CA ARG A 97 -25.32 12.54 -33.41
C ARG A 97 -25.17 11.60 -32.22
N PHE A 98 -26.05 11.75 -31.23
CA PHE A 98 -26.01 10.92 -30.02
C PHE A 98 -27.24 10.03 -29.86
N TYR A 99 -27.02 8.72 -29.75
CA TYR A 99 -28.13 7.80 -29.58
C TYR A 99 -28.05 6.98 -28.31
N PHE A 100 -29.22 6.64 -27.77
CA PHE A 100 -29.28 5.82 -26.58
C PHE A 100 -29.00 4.39 -27.00
N VAL A 101 -27.84 3.87 -26.62
CA VAL A 101 -27.49 2.51 -26.96
C VAL A 101 -27.81 1.55 -25.82
N ASP A 102 -28.16 2.11 -24.67
CA ASP A 102 -28.48 1.28 -23.53
C ASP A 102 -29.45 1.96 -22.56
N ILE A 103 -30.54 1.29 -22.23
CA ILE A 103 -31.55 1.79 -21.31
C ILE A 103 -31.66 0.82 -20.13
N MET A 104 -31.24 1.26 -18.95
CA MET A 104 -31.30 0.41 -17.76
C MET A 104 -32.44 0.79 -16.82
N THR A 105 -33.66 0.82 -17.36
CA THR A 105 -34.83 1.17 -16.58
C THR A 105 -36.04 0.52 -17.22
N PHE A 106 -37.09 0.30 -16.45
CA PHE A 106 -38.30 -0.31 -16.98
C PHE A 106 -39.21 0.70 -17.66
N SER A 107 -38.75 1.94 -17.71
CA SER A 107 -39.53 3.00 -18.34
C SER A 107 -39.40 2.86 -19.84
N SER A 108 -40.49 3.08 -20.56
CA SER A 108 -40.46 2.97 -22.02
C SER A 108 -40.56 4.36 -22.66
N GLU A 109 -40.37 5.40 -21.86
CA GLU A 109 -40.43 6.77 -22.37
C GLU A 109 -39.25 7.03 -23.28
N ILE A 110 -38.17 6.28 -23.08
CA ILE A 110 -36.96 6.39 -23.89
C ILE A 110 -36.54 4.97 -24.29
N ARG A 111 -36.37 4.75 -25.60
CA ARG A 111 -36.02 3.43 -26.11
C ARG A 111 -34.70 3.41 -26.87
N VAL A 112 -34.16 2.21 -27.04
CA VAL A 112 -32.91 2.03 -27.78
C VAL A 112 -33.11 2.62 -29.18
N GLY A 113 -32.11 3.33 -29.68
CA GLY A 113 -32.25 3.93 -31.00
C GLY A 113 -32.70 5.38 -30.93
N ASP A 114 -33.37 5.78 -29.85
CA ASP A 114 -33.80 7.17 -29.73
C ASP A 114 -32.56 8.04 -29.73
N GLU A 115 -32.69 9.26 -30.25
CA GLU A 115 -31.56 10.18 -30.30
C GLU A 115 -31.63 11.22 -29.20
N LEU A 116 -30.49 11.51 -28.56
CA LEU A 116 -30.48 12.52 -27.51
C LEU A 116 -30.21 13.87 -28.16
N LEU A 117 -31.10 14.83 -27.92
CA LEU A 117 -30.92 16.15 -28.49
C LEU A 117 -30.44 17.19 -27.46
N GLU A 118 -31.13 17.26 -26.33
CA GLU A 118 -30.77 18.23 -25.31
C GLU A 118 -30.97 17.75 -23.87
N VAL A 119 -30.39 18.50 -22.94
CA VAL A 119 -30.52 18.25 -21.51
C VAL A 119 -30.87 19.62 -20.92
N ASP A 120 -32.05 19.71 -20.33
CA ASP A 120 -32.52 20.96 -19.74
C ASP A 120 -32.48 22.09 -20.76
N GLY A 121 -32.94 21.79 -21.97
CA GLY A 121 -32.98 22.79 -23.03
C GLY A 121 -31.65 23.16 -23.65
N ALA A 122 -30.57 22.51 -23.23
CA ALA A 122 -29.26 22.81 -23.79
C ALA A 122 -28.78 21.69 -24.70
N PRO A 123 -28.36 22.03 -25.93
CA PRO A 123 -27.89 20.98 -26.84
C PRO A 123 -26.81 20.14 -26.17
N VAL A 124 -26.90 18.82 -26.35
CA VAL A 124 -25.97 17.87 -25.75
C VAL A 124 -24.50 18.33 -25.81
N GLN A 125 -24.11 18.87 -26.96
CA GLN A 125 -22.74 19.33 -27.15
C GLN A 125 -22.33 20.40 -26.14
N ASP A 126 -23.25 21.27 -25.77
CA ASP A 126 -22.95 22.33 -24.80
C ASP A 126 -22.75 21.74 -23.41
N VAL A 127 -23.60 20.79 -23.06
CA VAL A 127 -23.53 20.14 -21.76
C VAL A 127 -22.20 19.41 -21.62
N LEU A 128 -21.80 18.69 -22.66
CA LEU A 128 -20.54 17.97 -22.65
C LEU A 128 -19.39 18.96 -22.46
N ALA A 129 -19.54 20.13 -23.08
CA ALA A 129 -18.53 21.17 -22.97
C ALA A 129 -18.25 21.53 -21.52
N THR A 130 -19.27 21.43 -20.67
CA THR A 130 -19.09 21.74 -19.25
C THR A 130 -18.38 20.60 -18.51
N LEU A 131 -18.25 19.45 -19.16
CA LEU A 131 -17.58 18.31 -18.55
C LEU A 131 -16.17 18.13 -19.08
N TYR A 132 -15.78 18.97 -20.04
CA TYR A 132 -14.44 18.86 -20.60
C TYR A 132 -13.37 19.29 -19.59
N GLY A 133 -12.13 18.93 -19.88
CA GLY A 133 -11.03 19.30 -19.01
C GLY A 133 -10.52 20.69 -19.32
N SER A 134 -9.70 21.24 -18.43
CA SER A 134 -9.12 22.58 -18.57
C SER A 134 -8.39 22.82 -19.88
N ASN A 135 -7.66 21.82 -20.36
CA ASN A 135 -6.92 21.95 -21.61
C ASN A 135 -7.42 21.03 -22.71
N HIS A 136 -8.74 20.99 -22.86
CA HIS A 136 -9.40 20.18 -23.87
C HIS A 136 -8.80 20.43 -25.24
N LYS A 137 -8.46 19.36 -25.95
CA LYS A 137 -7.88 19.45 -27.29
C LYS A 137 -8.87 18.98 -28.36
N GLY A 138 -10.11 18.77 -27.96
CA GLY A 138 -11.15 18.36 -28.89
C GLY A 138 -11.06 16.98 -29.51
N THR A 139 -10.15 16.13 -29.06
CA THR A 139 -10.04 14.79 -29.63
C THR A 139 -11.26 13.93 -29.27
N ALA A 140 -11.47 12.87 -30.04
CA ALA A 140 -12.59 11.97 -29.80
C ALA A 140 -12.39 11.24 -28.46
N ALA A 141 -11.14 10.95 -28.10
CA ALA A 141 -10.87 10.27 -26.84
C ALA A 141 -11.37 11.15 -25.70
N GLU A 142 -11.04 12.43 -25.76
CA GLU A 142 -11.49 13.37 -24.74
C GLU A 142 -13.02 13.44 -24.72
N GLU A 143 -13.64 13.47 -25.90
CA GLU A 143 -15.09 13.56 -25.97
C GLU A 143 -15.76 12.35 -25.36
N SER A 144 -15.30 11.15 -25.74
CA SER A 144 -15.87 9.93 -25.20
C SER A 144 -15.70 9.90 -23.68
N ALA A 145 -14.57 10.40 -23.19
CA ALA A 145 -14.32 10.43 -21.76
C ALA A 145 -15.40 11.28 -21.09
N ALA A 146 -15.74 12.40 -21.71
CA ALA A 146 -16.76 13.27 -21.18
C ALA A 146 -18.13 12.59 -21.25
N LEU A 147 -18.37 11.87 -22.34
CA LEU A 147 -19.64 11.17 -22.51
C LEU A 147 -19.88 10.16 -21.38
N ARG A 148 -18.80 9.57 -20.87
CA ARG A 148 -18.91 8.61 -19.77
C ARG A 148 -19.56 9.31 -18.58
N THR A 149 -19.25 10.59 -18.44
CA THR A 149 -19.73 11.43 -17.35
C THR A 149 -21.12 12.06 -17.49
N LEU A 150 -21.63 12.17 -18.72
CA LEU A 150 -22.94 12.79 -18.96
C LEU A 150 -24.00 12.36 -17.96
N PHE A 151 -24.18 11.05 -17.81
CA PHE A 151 -25.19 10.52 -16.90
C PHE A 151 -24.67 9.79 -15.66
N SER A 152 -23.50 10.18 -15.18
CA SER A 152 -22.92 9.59 -13.98
C SER A 152 -21.93 10.60 -13.39
N ARG A 153 -22.37 11.34 -12.38
CA ARG A 153 -21.53 12.34 -11.74
C ARG A 153 -21.12 11.86 -10.35
N MET A 154 -19.82 11.89 -10.07
CA MET A 154 -19.34 11.43 -8.78
C MET A 154 -18.42 12.41 -8.07
N ALA A 155 -18.79 12.75 -6.84
CA ALA A 155 -17.98 13.65 -6.04
C ALA A 155 -16.61 13.02 -5.77
N SER A 156 -16.55 11.69 -5.78
CA SER A 156 -15.29 10.99 -5.53
C SER A 156 -14.29 11.33 -6.62
N LEU A 157 -14.79 11.83 -7.74
CA LEU A 157 -13.94 12.20 -8.86
C LEU A 157 -13.80 13.72 -8.96
N GLY A 158 -14.37 14.43 -8.00
CA GLY A 158 -14.31 15.87 -7.99
C GLY A 158 -15.33 16.49 -8.93
N HIS A 159 -16.34 15.71 -9.31
CA HIS A 159 -17.38 16.22 -10.18
C HIS A 159 -18.33 17.06 -9.35
N LYS A 160 -18.91 18.08 -9.98
CA LYS A 160 -19.91 18.89 -9.32
C LYS A 160 -21.10 17.95 -9.50
N VAL A 161 -21.79 17.60 -8.41
CA VAL A 161 -22.90 16.65 -8.53
C VAL A 161 -24.29 17.28 -8.59
N PRO A 162 -25.04 16.99 -9.66
CA PRO A 162 -26.39 17.53 -9.83
C PRO A 162 -27.40 16.65 -9.11
N SER A 163 -28.64 17.11 -9.07
CA SER A 163 -29.70 16.35 -8.43
C SER A 163 -31.05 16.90 -8.86
N GLY A 164 -32.12 16.27 -8.41
CA GLY A 164 -33.44 16.74 -8.78
C GLY A 164 -33.87 16.30 -10.16
N ARG A 165 -34.86 17.00 -10.71
CA ARG A 165 -35.38 16.66 -12.03
C ARG A 165 -34.69 17.40 -13.15
N THR A 166 -34.71 16.78 -14.32
CA THR A 166 -34.11 17.35 -15.51
C THR A 166 -34.92 16.85 -16.70
N THR A 167 -34.80 17.54 -17.82
CA THR A 167 -35.55 17.16 -19.02
C THR A 167 -34.62 16.73 -20.13
N LEU A 168 -34.94 15.58 -20.74
CA LEU A 168 -34.14 15.08 -21.85
C LEU A 168 -34.99 15.23 -23.12
N LYS A 169 -34.49 16.00 -24.09
CA LYS A 169 -35.22 16.14 -25.33
C LYS A 169 -34.65 15.10 -26.28
N ILE A 170 -35.51 14.24 -26.79
CA ILE A 170 -35.08 13.17 -27.68
C ILE A 170 -35.81 13.18 -29.02
N ARG A 171 -35.22 12.52 -30.01
CA ARG A 171 -35.82 12.41 -31.33
C ARG A 171 -36.12 10.93 -31.56
N ARG A 172 -37.39 10.62 -31.84
CA ARG A 172 -37.78 9.24 -32.09
C ARG A 172 -37.32 8.84 -33.50
N PRO A 173 -37.25 7.54 -33.77
CA PRO A 173 -36.81 7.09 -35.10
C PRO A 173 -37.63 7.61 -36.27
N PHE A 174 -38.91 7.92 -36.04
CA PHE A 174 -39.73 8.44 -37.14
C PHE A 174 -39.55 9.94 -37.33
N GLY A 175 -38.64 10.53 -36.55
CA GLY A 175 -38.34 11.94 -36.70
C GLY A 175 -38.89 12.99 -35.77
N THR A 176 -39.95 12.66 -35.02
CA THR A 176 -40.51 13.66 -34.13
C THR A 176 -39.81 13.76 -32.77
N THR A 177 -40.10 14.84 -32.07
CA THR A 177 -39.51 15.17 -30.79
C THR A 177 -40.36 14.90 -29.56
N ARG A 178 -39.69 14.55 -28.47
CA ARG A 178 -40.34 14.29 -27.19
C ARG A 178 -39.45 14.86 -26.10
N GLU A 179 -40.06 15.44 -25.07
CA GLU A 179 -39.30 15.97 -23.96
C GLU A 179 -39.63 15.07 -22.79
N VAL A 180 -38.61 14.37 -22.31
CA VAL A 180 -38.78 13.42 -21.23
C VAL A 180 -38.23 13.96 -19.91
N ARG A 181 -39.12 14.02 -18.92
CA ARG A 181 -38.78 14.51 -17.60
C ARG A 181 -38.31 13.36 -16.72
N VAL A 182 -37.07 13.42 -16.27
CA VAL A 182 -36.52 12.38 -15.42
C VAL A 182 -35.91 13.01 -14.17
N LYS A 183 -35.72 12.20 -13.14
CA LYS A 183 -35.13 12.66 -11.89
C LYS A 183 -33.83 11.91 -11.66
N TRP A 184 -32.78 12.66 -11.37
CA TRP A 184 -31.49 12.05 -11.12
C TRP A 184 -31.56 11.10 -9.93
N ARG A 185 -30.85 9.98 -10.01
CA ARG A 185 -30.77 9.04 -8.87
C ARG A 185 -29.65 9.65 -8.00
N TYR A 186 -30.03 10.31 -6.92
CA TYR A 186 -29.07 10.97 -6.04
C TYR A 186 -28.69 10.26 -4.76
N VAL A 187 -27.38 10.23 -4.51
CA VAL A 187 -26.84 9.65 -3.29
C VAL A 187 -26.16 10.82 -2.59
N PRO A 188 -26.76 11.31 -1.50
CA PRO A 188 -26.18 12.44 -0.78
C PRO A 188 -24.81 12.11 -0.17
N GLU A 189 -24.02 13.15 0.06
CA GLU A 189 -22.69 12.98 0.63
C GLU A 189 -22.80 12.47 2.06
N GLY A 190 -22.00 11.46 2.39
CA GLY A 190 -22.01 10.92 3.74
C GLY A 190 -20.83 11.41 4.54
N VAL A 191 -19.84 11.96 3.86
CA VAL A 191 -18.65 12.49 4.52
C VAL A 191 -18.84 13.99 4.74
N GLY A 192 -19.21 14.36 5.96
CA GLY A 192 -19.43 15.76 6.29
C GLY A 192 -18.38 16.74 5.80
N ASP A 193 -18.83 17.83 5.21
CA ASP A 193 -17.93 18.85 4.68
C ASP A 193 -17.17 19.55 5.81
N LEU A 194 -15.85 19.59 5.70
CA LEU A 194 -15.03 20.23 6.73
C LEU A 194 -15.46 21.67 6.99
N ALA A 195 -15.82 22.40 5.93
CA ALA A 195 -16.23 23.79 6.06
C ALA A 195 -17.39 23.98 7.04
N THR A 196 -18.37 23.09 6.96
CA THR A 196 -19.53 23.17 7.84
C THR A 196 -19.13 22.87 9.29
N ILE A 197 -18.11 22.04 9.45
CA ILE A 197 -17.62 21.62 10.75
C ILE A 197 -16.51 22.51 11.36
N ALA A 198 -15.70 23.08 10.47
CA ALA A 198 -14.57 23.93 10.84
C ALA A 198 -14.72 24.82 12.08
N PRO A 199 -15.78 25.64 12.12
CA PRO A 199 -16.00 26.53 13.27
C PRO A 199 -16.07 25.89 14.66
N SER A 200 -16.53 24.64 14.72
CA SER A 200 -16.67 23.96 16.01
C SER A 200 -15.44 23.15 16.46
N ILE A 201 -14.43 23.07 15.61
CA ILE A 201 -13.22 22.33 15.95
C ILE A 201 -12.39 23.06 17.01
N ARG A 202 -12.21 22.43 18.17
CA ARG A 202 -11.43 23.01 19.25
C ARG A 202 -10.05 22.36 19.36
N ALA A 203 -9.10 23.10 19.91
CA ALA A 203 -7.74 22.58 20.09
C ALA A 203 -7.82 21.34 20.98
N PRO A 204 -6.99 20.33 20.69
CA PRO A 204 -7.00 19.10 21.50
C PRO A 204 -6.53 19.33 22.93
N GLN A 205 -7.17 18.68 23.88
CA GLN A 205 -6.78 18.80 25.28
C GLN A 205 -6.61 17.41 25.90
N LEU A 206 -5.59 17.24 26.70
CA LEU A 206 -5.35 15.96 27.36
C LEU A 206 -6.25 15.86 28.59
N GLY A 252 -22.40 -4.66 -23.44
CA GLY A 252 -21.07 -4.37 -22.92
C GLY A 252 -20.47 -3.09 -23.47
N TYR A 253 -21.12 -1.95 -23.22
CA TYR A 253 -20.60 -0.66 -23.66
C TYR A 253 -19.82 -0.12 -22.49
N ASN A 254 -19.20 -1.03 -21.77
CA ASN A 254 -18.45 -0.73 -20.56
C ASN A 254 -16.95 -0.98 -20.75
N ILE A 255 -16.10 -0.01 -20.37
CA ILE A 255 -14.66 -0.19 -20.53
C ILE A 255 -14.23 -1.39 -19.68
N GLY A 256 -13.60 -2.37 -20.32
CA GLY A 256 -13.17 -3.56 -19.61
C GLY A 256 -14.22 -4.65 -19.67
N SER A 257 -15.31 -4.39 -20.39
CA SER A 257 -16.39 -5.37 -20.53
C SER A 257 -15.85 -6.65 -21.17
N THR A 258 -16.13 -7.78 -20.55
CA THR A 258 -15.67 -9.07 -21.06
C THR A 258 -16.18 -9.33 -22.48
N ASP A 259 -17.48 -9.18 -22.68
CA ASP A 259 -18.08 -9.42 -23.99
C ASP A 259 -17.91 -8.30 -25.01
N GLY A 260 -17.82 -7.06 -24.54
CA GLY A 260 -17.67 -5.96 -25.46
C GLY A 260 -19.06 -5.57 -25.95
N PHE A 261 -19.15 -5.04 -27.16
CA PHE A 261 -20.46 -4.64 -27.67
C PHE A 261 -20.72 -5.07 -29.11
N LEU A 262 -19.78 -5.79 -29.70
CA LEU A 262 -19.93 -6.25 -31.07
C LEU A 262 -20.60 -7.61 -31.19
N PRO A 263 -21.62 -7.74 -32.05
CA PRO A 263 -22.26 -9.05 -32.19
C PRO A 263 -21.33 -9.94 -33.03
N VAL A 264 -21.54 -11.25 -33.01
CA VAL A 264 -20.69 -12.14 -33.81
C VAL A 264 -20.84 -11.74 -35.29
N ILE A 265 -19.78 -11.95 -36.07
CA ILE A 265 -19.79 -11.59 -37.48
C ILE A 265 -20.64 -12.44 -38.39
N GLY A 266 -21.14 -13.57 -37.89
CA GLY A 266 -21.98 -14.43 -38.71
C GLY A 266 -22.37 -15.71 -38.02
N PRO A 267 -22.88 -16.70 -38.77
CA PRO A 267 -23.27 -17.96 -38.12
C PRO A 267 -22.09 -18.54 -37.35
N VAL A 268 -22.29 -18.78 -36.06
CA VAL A 268 -21.25 -19.31 -35.20
C VAL A 268 -21.11 -20.83 -35.31
N ILE A 269 -19.89 -21.29 -35.53
CA ILE A 269 -19.64 -22.72 -35.65
C ILE A 269 -19.10 -23.26 -34.33
N TRP A 270 -18.66 -22.35 -33.46
CA TRP A 270 -18.11 -22.73 -32.17
C TRP A 270 -17.78 -21.51 -31.31
N GLU A 271 -17.79 -21.68 -29.99
CA GLU A 271 -17.46 -20.61 -29.05
C GLU A 271 -16.89 -21.18 -27.75
N SER A 272 -16.33 -20.31 -26.92
CA SER A 272 -15.72 -20.74 -25.66
C SER A 272 -16.44 -20.41 -24.35
N GLU A 273 -17.15 -19.28 -24.32
CA GLU A 273 -17.90 -18.84 -23.13
C GLU A 273 -17.17 -18.83 -21.77
N GLY A 274 -15.94 -19.31 -21.72
CA GLY A 274 -15.20 -19.32 -20.46
C GLY A 274 -14.88 -17.90 -20.00
N LEU A 275 -13.64 -17.66 -19.58
CA LEU A 275 -13.24 -16.34 -19.11
C LEU A 275 -13.26 -15.31 -20.23
N PHE A 276 -12.71 -15.68 -21.39
CA PHE A 276 -12.68 -14.77 -22.53
C PHE A 276 -13.85 -15.04 -23.45
N ARG A 277 -14.23 -14.03 -24.23
CA ARG A 277 -15.32 -14.22 -25.18
C ARG A 277 -14.60 -14.53 -26.48
N ALA A 278 -14.75 -15.77 -26.95
CA ALA A 278 -14.10 -16.19 -28.18
C ALA A 278 -15.05 -17.11 -28.92
N TYR A 279 -14.94 -17.12 -30.24
CA TYR A 279 -15.80 -17.98 -31.07
C TYR A 279 -15.17 -18.12 -32.44
N ILE A 280 -15.77 -18.98 -33.26
CA ILE A 280 -15.29 -19.18 -34.62
C ILE A 280 -16.47 -19.04 -35.56
N SER A 281 -16.32 -18.18 -36.56
CA SER A 281 -17.37 -17.96 -37.53
C SER A 281 -16.74 -18.12 -38.91
N SER A 282 -17.46 -17.66 -39.93
CA SER A 282 -16.98 -17.79 -41.28
C SER A 282 -17.11 -16.50 -42.05
N VAL A 283 -16.26 -16.36 -43.06
CA VAL A 283 -16.31 -15.20 -43.92
C VAL A 283 -16.32 -15.82 -45.32
N THR A 284 -17.16 -15.29 -46.20
CA THR A 284 -17.23 -15.81 -47.56
C THR A 284 -16.68 -14.74 -48.46
N ASP A 285 -15.64 -15.07 -49.22
CA ASP A 285 -15.03 -14.12 -50.12
C ASP A 285 -15.96 -13.81 -51.29
N GLY A 286 -15.38 -13.46 -52.44
CA GLY A 286 -16.19 -13.15 -53.59
C GLY A 286 -16.39 -14.37 -54.46
N ASP A 287 -15.36 -15.20 -54.55
CA ASP A 287 -15.41 -16.41 -55.36
C ASP A 287 -16.32 -17.46 -54.71
N GLY A 288 -17.04 -17.04 -53.67
CA GLY A 288 -17.94 -17.94 -52.98
C GLY A 288 -17.32 -18.86 -51.95
N LYS A 289 -16.00 -18.82 -51.80
CA LYS A 289 -15.34 -19.69 -50.83
C LYS A 289 -15.41 -19.14 -49.41
N SER A 290 -15.68 -20.03 -48.46
CA SER A 290 -15.78 -19.67 -47.05
C SER A 290 -14.44 -19.84 -46.34
N HIS A 291 -14.24 -19.06 -45.29
CA HIS A 291 -13.01 -19.11 -44.52
C HIS A 291 -13.35 -19.06 -43.05
N LYS A 292 -12.97 -20.09 -42.30
CA LYS A 292 -13.24 -20.10 -40.87
C LYS A 292 -12.39 -19.02 -40.22
N VAL A 293 -13.06 -18.05 -39.59
CA VAL A 293 -12.37 -16.97 -38.92
C VAL A 293 -12.58 -17.09 -37.42
N GLY A 294 -11.51 -16.87 -36.67
CA GLY A 294 -11.61 -16.94 -35.23
C GLY A 294 -11.79 -15.56 -34.65
N PHE A 295 -12.54 -15.46 -33.55
CA PHE A 295 -12.75 -14.18 -32.91
C PHE A 295 -12.39 -14.28 -31.42
N LEU A 296 -11.77 -13.23 -30.90
CA LEU A 296 -11.39 -13.21 -29.50
C LEU A 296 -11.37 -11.77 -29.00
N ARG A 297 -11.92 -11.54 -27.82
CA ARG A 297 -11.91 -10.20 -27.26
C ARG A 297 -11.00 -10.14 -26.04
N ILE A 298 -10.13 -9.13 -26.03
CA ILE A 298 -9.25 -8.91 -24.90
C ILE A 298 -9.83 -7.67 -24.24
N PRO A 299 -10.64 -7.86 -23.18
CA PRO A 299 -11.32 -6.83 -22.40
C PRO A 299 -10.44 -5.93 -21.52
N THR A 300 -9.35 -6.49 -21.00
CA THR A 300 -8.45 -5.74 -20.12
C THR A 300 -7.11 -6.45 -20.00
N TYR A 301 -6.08 -5.70 -19.60
CA TYR A 301 -4.75 -6.28 -19.41
C TYR A 301 -4.47 -6.37 -17.92
N SER A 302 -5.53 -6.20 -17.15
CA SER A 302 -5.47 -6.29 -15.71
C SER A 302 -6.25 -7.58 -15.44
N TRP A 303 -5.59 -8.70 -15.72
CA TRP A 303 -6.19 -10.02 -15.59
C TRP A 303 -6.93 -10.35 -14.30
N GLN A 304 -6.39 -9.96 -13.15
CA GLN A 304 -7.04 -10.27 -11.88
C GLN A 304 -8.44 -9.65 -11.79
N ASP A 305 -8.69 -8.64 -12.61
CA ASP A 305 -9.99 -7.98 -12.59
C ASP A 305 -11.01 -8.46 -13.62
N MET A 306 -10.64 -9.45 -14.44
CA MET A 306 -11.56 -9.96 -15.44
C MET A 306 -12.84 -10.53 -14.81
N GLU A 307 -13.96 -10.33 -15.50
CA GLU A 307 -15.26 -10.84 -15.05
C GLU A 307 -15.18 -12.35 -14.78
N ASP A 308 -15.56 -12.75 -13.59
CA ASP A 308 -15.55 -14.17 -13.24
C ASP A 308 -14.17 -14.80 -13.16
N PHE A 309 -13.21 -14.09 -12.60
CA PHE A 309 -11.87 -14.65 -12.47
C PHE A 309 -11.77 -15.33 -11.12
N ASP A 310 -11.41 -16.60 -11.14
CA ASP A 310 -11.27 -17.34 -9.89
C ASP A 310 -9.78 -17.41 -9.59
N PRO A 311 -9.34 -16.67 -8.57
CA PRO A 311 -7.92 -16.66 -8.20
C PRO A 311 -7.39 -18.05 -7.88
N SER A 312 -8.29 -18.97 -7.54
CA SER A 312 -7.91 -20.34 -7.21
C SER A 312 -7.97 -21.27 -8.42
N GLY A 313 -8.08 -20.68 -9.61
CA GLY A 313 -8.13 -21.49 -10.82
C GLY A 313 -6.97 -21.14 -11.73
N PRO A 314 -6.82 -21.83 -12.87
CA PRO A 314 -5.71 -21.53 -13.77
C PRO A 314 -5.75 -20.06 -14.20
N PRO A 315 -4.58 -19.42 -14.29
CA PRO A 315 -4.53 -18.00 -14.69
C PRO A 315 -5.14 -17.78 -16.07
N PRO A 316 -5.68 -16.57 -16.31
CA PRO A 316 -6.29 -16.25 -17.60
C PRO A 316 -5.39 -16.46 -18.83
N TRP A 317 -4.09 -16.25 -18.68
CA TRP A 317 -3.19 -16.45 -19.81
C TRP A 317 -3.14 -17.90 -20.27
N GLU A 318 -3.52 -18.82 -19.38
CA GLU A 318 -3.54 -20.23 -19.73
C GLU A 318 -4.77 -20.51 -20.57
N GLU A 319 -5.90 -19.89 -20.21
CA GLU A 319 -7.11 -20.09 -21.00
C GLU A 319 -6.91 -19.47 -22.36
N PHE A 320 -6.11 -18.40 -22.42
CA PHE A 320 -5.81 -17.71 -23.67
C PHE A 320 -5.11 -18.71 -24.58
N ALA A 321 -4.07 -19.33 -24.05
CA ALA A 321 -3.29 -20.32 -24.78
C ALA A 321 -4.21 -21.40 -25.37
N LYS A 322 -5.16 -21.86 -24.54
CA LYS A 322 -6.09 -22.89 -24.98
C LYS A 322 -6.82 -22.42 -26.24
N ILE A 323 -7.39 -21.22 -26.18
CA ILE A 323 -8.11 -20.67 -27.31
C ILE A 323 -7.22 -20.55 -28.55
N ILE A 324 -6.04 -19.97 -28.38
CA ILE A 324 -5.11 -19.80 -29.50
C ILE A 324 -4.83 -21.13 -30.19
N GLN A 325 -4.65 -22.19 -29.41
CA GLN A 325 -4.38 -23.51 -29.98
C GLN A 325 -5.53 -23.96 -30.87
N VAL A 326 -6.75 -23.82 -30.36
CA VAL A 326 -7.92 -24.20 -31.13
C VAL A 326 -7.94 -23.41 -32.42
N PHE A 327 -7.67 -22.11 -32.32
CA PHE A 327 -7.65 -21.24 -33.48
C PHE A 327 -6.53 -21.60 -34.45
N SER A 328 -5.39 -22.03 -33.91
CA SER A 328 -4.23 -22.37 -34.74
C SER A 328 -4.49 -23.44 -35.80
N SER A 329 -5.29 -24.44 -35.48
CA SER A 329 -5.56 -25.52 -36.43
C SER A 329 -7.01 -25.59 -36.94
N ASN A 330 -7.84 -24.63 -36.56
CA ASN A 330 -9.24 -24.64 -37.00
C ASN A 330 -9.71 -23.25 -37.42
N THR A 331 -8.74 -22.40 -37.75
CA THR A 331 -9.04 -21.04 -38.15
C THR A 331 -8.09 -20.61 -39.27
N GLU A 332 -8.53 -19.65 -40.08
CA GLU A 332 -7.74 -19.16 -41.20
C GLU A 332 -7.11 -17.83 -40.87
N ALA A 333 -7.83 -17.03 -40.09
CA ALA A 333 -7.37 -15.71 -39.68
C ALA A 333 -7.92 -15.49 -38.28
N LEU A 334 -7.55 -14.38 -37.66
CA LEU A 334 -8.02 -14.12 -36.31
C LEU A 334 -8.31 -12.64 -36.08
N ILE A 335 -9.55 -12.35 -35.70
CA ILE A 335 -9.97 -10.99 -35.40
C ILE A 335 -9.85 -10.82 -33.90
N ILE A 336 -9.18 -9.75 -33.46
CA ILE A 336 -9.03 -9.49 -32.05
C ILE A 336 -9.70 -8.16 -31.70
N ASP A 337 -10.78 -8.21 -30.93
CA ASP A 337 -11.47 -7.01 -30.51
C ASP A 337 -10.77 -6.51 -29.26
N GLN A 338 -10.17 -5.32 -29.36
CA GLN A 338 -9.46 -4.76 -28.22
C GLN A 338 -10.00 -3.39 -27.80
N THR A 339 -11.17 -3.04 -28.30
CA THR A 339 -11.79 -1.77 -27.97
C THR A 339 -12.26 -1.72 -26.51
N ASN A 340 -12.48 -0.50 -26.01
CA ASN A 340 -12.94 -0.30 -24.64
C ASN A 340 -12.12 -1.13 -23.66
N ASN A 341 -10.81 -0.91 -23.67
CA ASN A 341 -9.89 -1.63 -22.80
C ASN A 341 -9.08 -0.58 -22.02
N PRO A 342 -9.09 -0.67 -20.68
CA PRO A 342 -8.38 0.25 -19.79
C PRO A 342 -6.88 0.03 -19.66
N GLY A 343 -6.40 -1.09 -20.19
CA GLY A 343 -4.98 -1.39 -20.08
C GLY A 343 -4.79 -2.25 -18.84
N GLY A 344 -3.59 -2.26 -18.29
CA GLY A 344 -3.34 -3.07 -17.10
C GLY A 344 -1.88 -3.43 -16.89
N SER A 345 -1.61 -4.72 -16.71
CA SER A 345 -0.24 -5.19 -16.48
C SER A 345 0.59 -5.39 -17.75
N VAL A 346 1.73 -4.72 -17.82
CA VAL A 346 2.64 -4.80 -18.96
C VAL A 346 3.16 -6.22 -19.19
N LEU A 347 3.54 -6.92 -18.12
CA LEU A 347 4.05 -8.29 -18.25
C LEU A 347 2.96 -9.21 -18.81
N TYR A 348 1.71 -8.97 -18.41
CA TYR A 348 0.59 -9.78 -18.89
C TYR A 348 0.35 -9.45 -20.36
N LEU A 349 0.54 -8.18 -20.71
CA LEU A 349 0.38 -7.70 -22.08
C LEU A 349 1.41 -8.42 -22.94
N TYR A 350 2.62 -8.60 -22.39
CA TYR A 350 3.69 -9.27 -23.10
C TYR A 350 3.37 -10.76 -23.28
N ALA A 351 2.85 -11.38 -22.22
CA ALA A 351 2.50 -12.80 -22.29
C ALA A 351 1.56 -13.07 -23.46
N LEU A 352 0.53 -12.24 -23.59
CA LEU A 352 -0.44 -12.39 -24.65
C LEU A 352 0.18 -12.12 -26.02
N LEU A 353 1.10 -11.16 -26.07
CA LEU A 353 1.77 -10.81 -27.33
C LEU A 353 2.68 -11.94 -27.81
N SER A 354 3.30 -12.65 -26.86
CA SER A 354 4.20 -13.76 -27.22
C SER A 354 3.45 -14.94 -27.84
N MET A 355 2.16 -15.03 -27.58
CA MET A 355 1.36 -16.14 -28.12
C MET A 355 0.70 -15.81 -29.47
N LEU A 356 1.00 -14.63 -30.02
CA LEU A 356 0.42 -14.22 -31.30
C LEU A 356 1.47 -14.01 -32.38
N THR A 357 2.63 -14.64 -32.22
CA THR A 357 3.70 -14.46 -33.20
C THR A 357 4.73 -15.58 -33.13
N ASP A 358 5.35 -15.89 -34.27
CA ASP A 358 6.38 -16.92 -34.33
C ASP A 358 7.71 -16.24 -34.57
N ARG A 359 7.70 -14.91 -34.45
CA ARG A 359 8.88 -14.08 -34.65
C ARG A 359 8.96 -13.04 -33.53
N PRO A 360 10.18 -12.58 -33.20
CA PRO A 360 10.36 -11.57 -32.15
C PRO A 360 9.75 -10.23 -32.53
N LEU A 361 9.18 -9.53 -31.55
CA LEU A 361 8.55 -8.23 -31.80
C LEU A 361 9.23 -7.11 -31.02
N GLU A 362 9.77 -6.13 -31.75
CA GLU A 362 10.42 -5.00 -31.11
C GLU A 362 9.42 -4.27 -30.23
N LEU A 363 9.89 -3.74 -29.10
CA LEU A 363 9.05 -3.03 -28.16
C LEU A 363 9.47 -1.58 -28.00
N PRO A 364 8.51 -0.68 -27.81
CA PRO A 364 8.86 0.74 -27.63
C PRO A 364 9.52 0.92 -26.26
N LYS A 365 10.40 1.91 -26.14
CA LYS A 365 11.08 2.14 -24.87
C LYS A 365 10.44 3.29 -24.10
N HIS A 366 10.83 3.44 -22.84
CA HIS A 366 10.27 4.47 -21.99
C HIS A 366 11.32 5.44 -21.43
N ARG A 367 10.95 6.71 -21.41
CA ARG A 367 11.80 7.77 -20.87
C ARG A 367 11.26 7.91 -19.44
N MET A 368 12.05 7.53 -18.45
CA MET A 368 11.60 7.57 -17.07
C MET A 368 12.10 8.73 -16.23
N ILE A 369 11.34 9.07 -15.19
CA ILE A 369 11.73 10.12 -14.27
C ILE A 369 12.17 9.33 -13.04
N LEU A 370 13.36 9.60 -12.54
CA LEU A 370 13.89 8.82 -11.41
C LEU A 370 14.05 9.52 -10.07
N THR A 371 14.02 8.68 -9.03
CA THR A 371 14.21 9.05 -7.63
C THR A 371 14.94 7.83 -7.10
N GLN A 372 15.49 7.90 -5.90
CA GLN A 372 16.22 6.75 -5.37
C GLN A 372 15.35 5.51 -5.22
N ASP A 373 14.03 5.70 -5.24
CA ASP A 373 13.11 4.56 -5.16
C ASP A 373 13.41 3.65 -6.35
N GLU A 374 13.44 4.23 -7.55
CA GLU A 374 13.72 3.46 -8.74
C GLU A 374 15.13 2.91 -8.73
N VAL A 375 16.03 3.60 -8.06
CA VAL A 375 17.41 3.16 -7.95
C VAL A 375 17.47 1.87 -7.14
N VAL A 376 16.73 1.82 -6.05
CA VAL A 376 16.69 0.63 -5.20
C VAL A 376 16.11 -0.56 -5.97
N ASP A 377 15.10 -0.33 -6.81
CA ASP A 377 14.52 -1.43 -7.61
C ASP A 377 15.62 -1.98 -8.51
N ALA A 378 16.37 -1.08 -9.14
CA ALA A 378 17.45 -1.46 -10.03
C ALA A 378 18.44 -2.35 -9.28
N LEU A 379 18.89 -1.88 -8.11
CA LEU A 379 19.82 -2.63 -7.29
C LEU A 379 19.22 -3.97 -6.91
N ASP A 380 17.93 -3.99 -6.65
CA ASP A 380 17.27 -5.23 -6.27
C ASP A 380 17.22 -6.26 -7.39
N TRP A 381 17.05 -5.81 -8.64
CA TRP A 381 17.02 -6.77 -9.75
C TRP A 381 18.39 -7.43 -9.86
N LEU A 382 19.44 -6.62 -9.71
CA LEU A 382 20.80 -7.14 -9.82
C LEU A 382 21.18 -8.14 -8.74
N THR A 383 20.89 -7.84 -7.48
CA THR A 383 21.23 -8.76 -6.41
C THR A 383 20.40 -10.03 -6.56
N LEU A 384 19.20 -9.88 -7.11
CA LEU A 384 18.31 -11.03 -7.29
C LEU A 384 18.75 -11.97 -8.41
N LEU A 385 19.43 -11.43 -9.42
CA LEU A 385 19.88 -12.24 -10.55
C LEU A 385 21.40 -12.41 -10.65
N GLU A 386 22.11 -12.07 -9.58
CA GLU A 386 23.57 -12.17 -9.55
C GLU A 386 24.13 -13.47 -10.13
N ASN A 387 23.77 -14.60 -9.53
CA ASN A 387 24.28 -15.88 -9.99
C ASN A 387 23.45 -16.63 -11.01
N VAL A 388 22.59 -15.91 -11.73
CA VAL A 388 21.76 -16.53 -12.75
C VAL A 388 22.53 -16.63 -14.05
N ASP A 389 22.79 -17.85 -14.50
CA ASP A 389 23.54 -18.08 -15.73
C ASP A 389 22.84 -19.09 -16.63
N THR A 390 21.93 -19.88 -16.08
CA THR A 390 21.21 -20.87 -16.85
C THR A 390 19.70 -20.64 -16.82
N ASN A 391 18.99 -21.28 -17.75
CA ASN A 391 17.54 -21.14 -17.80
C ASN A 391 16.95 -21.69 -16.50
N VAL A 392 17.53 -22.79 -16.02
CA VAL A 392 17.06 -23.42 -14.80
C VAL A 392 17.07 -22.42 -13.66
N GLU A 393 18.22 -21.77 -13.46
CA GLU A 393 18.38 -20.79 -12.40
C GLU A 393 17.47 -19.58 -12.58
N SER A 394 17.21 -19.22 -13.83
CA SER A 394 16.34 -18.08 -14.12
C SER A 394 14.92 -18.37 -13.66
N ARG A 395 14.46 -19.60 -13.87
CA ARG A 395 13.11 -19.98 -13.48
C ARG A 395 12.96 -20.08 -11.96
N LEU A 396 14.06 -20.39 -11.28
CA LEU A 396 14.02 -20.50 -9.83
C LEU A 396 14.03 -19.11 -9.19
N ALA A 397 14.67 -18.17 -9.86
CA ALA A 397 14.76 -16.80 -9.35
C ALA A 397 13.56 -15.93 -9.75
N LEU A 398 13.02 -16.17 -10.94
CA LEU A 398 11.89 -15.38 -11.43
C LEU A 398 10.56 -16.11 -11.42
N GLY A 399 10.60 -17.43 -11.38
CA GLY A 399 9.36 -18.19 -11.34
C GLY A 399 8.98 -18.84 -12.66
N ASP A 400 9.88 -18.77 -13.64
CA ASP A 400 9.68 -19.36 -14.97
C ASP A 400 8.50 -18.74 -15.73
N ASN A 401 7.62 -18.08 -14.99
CA ASN A 401 6.44 -17.45 -15.57
C ASN A 401 6.17 -16.13 -14.87
N MET A 402 6.28 -15.04 -15.61
CA MET A 402 6.02 -13.72 -15.04
C MET A 402 4.67 -13.22 -15.56
N GLU A 403 3.62 -13.48 -14.78
CA GLU A 403 2.26 -13.10 -15.17
C GLU A 403 1.93 -13.60 -16.58
N GLY A 404 2.35 -14.83 -16.85
CA GLY A 404 2.08 -15.42 -18.15
C GLY A 404 3.26 -15.42 -19.09
N TYR A 405 4.21 -14.52 -18.87
CA TYR A 405 5.35 -14.45 -19.76
C TYR A 405 6.42 -15.49 -19.41
N THR A 406 6.86 -16.22 -20.44
CA THR A 406 7.86 -17.27 -20.27
C THR A 406 9.21 -16.72 -19.80
N VAL A 407 9.69 -17.22 -18.66
CA VAL A 407 10.97 -16.78 -18.11
C VAL A 407 12.11 -17.56 -18.77
N ASP A 408 12.98 -16.83 -19.44
CA ASP A 408 14.13 -17.39 -20.13
C ASP A 408 15.41 -16.84 -19.53
N LEU A 409 16.55 -17.40 -19.91
CA LEU A 409 17.82 -16.91 -19.42
C LEU A 409 17.93 -15.50 -19.97
N GLN A 410 17.30 -15.30 -21.12
CA GLN A 410 17.31 -14.00 -21.80
C GLN A 410 16.51 -12.98 -21.00
N VAL A 411 15.51 -13.47 -20.26
CA VAL A 411 14.68 -12.60 -19.45
C VAL A 411 15.57 -12.03 -18.35
N ALA A 412 16.24 -12.92 -17.64
CA ALA A 412 17.14 -12.53 -16.56
C ALA A 412 18.15 -11.52 -17.08
N GLU A 413 18.59 -11.73 -18.31
CA GLU A 413 19.58 -10.86 -18.94
C GLU A 413 19.01 -9.46 -19.18
N TYR A 414 17.75 -9.41 -19.60
CA TYR A 414 17.08 -8.14 -19.84
C TYR A 414 16.93 -7.41 -18.51
N LEU A 415 16.39 -8.12 -17.52
CA LEU A 415 16.19 -7.55 -16.19
C LEU A 415 17.51 -7.05 -15.65
N LYS A 416 18.58 -7.75 -15.99
CA LYS A 416 19.92 -7.39 -15.56
C LYS A 416 20.31 -6.06 -16.23
N SER A 417 20.10 -6.00 -17.55
CA SER A 417 20.42 -4.81 -18.33
C SER A 417 19.60 -3.64 -17.82
N PHE A 418 18.34 -3.92 -17.50
CA PHE A 418 17.47 -2.89 -16.93
C PHE A 418 18.01 -2.81 -15.52
N GLY A 419 18.36 -1.62 -15.06
CA GLY A 419 18.90 -1.54 -13.72
C GLY A 419 20.31 -1.04 -13.89
N ARG A 420 21.09 -1.74 -14.72
CA ARG A 420 22.44 -1.28 -15.00
C ARG A 420 22.22 0.04 -15.72
N GLN A 421 21.21 0.05 -16.59
CA GLN A 421 20.85 1.25 -17.34
C GLN A 421 20.26 2.32 -16.42
N VAL A 422 19.41 1.89 -15.48
CA VAL A 422 18.80 2.82 -14.54
C VAL A 422 19.89 3.43 -13.66
N LEU A 423 20.80 2.58 -13.18
CA LEU A 423 21.89 3.03 -12.32
C LEU A 423 22.79 3.99 -13.11
N ASN A 424 23.02 3.67 -14.37
CA ASN A 424 23.86 4.51 -15.22
C ASN A 424 23.23 5.88 -15.36
N CYS A 425 21.92 5.91 -15.64
CA CYS A 425 21.19 7.17 -15.80
C CYS A 425 21.22 8.01 -14.53
N TRP A 426 21.13 7.34 -13.38
CA TRP A 426 21.13 8.02 -12.09
C TRP A 426 22.49 8.67 -11.83
N SER A 427 23.56 7.91 -12.01
CA SER A 427 24.89 8.45 -11.79
C SER A 427 25.21 9.57 -12.76
N LYS A 428 24.63 9.50 -13.97
CA LYS A 428 24.86 10.53 -14.97
C LYS A 428 23.99 11.76 -14.74
N GLY A 429 23.03 11.65 -13.82
CA GLY A 429 22.16 12.78 -13.55
C GLY A 429 21.03 12.88 -14.57
N ASP A 430 20.92 11.88 -15.43
CA ASP A 430 19.87 11.82 -16.45
C ASP A 430 18.64 11.25 -15.73
N ILE A 431 18.02 12.09 -14.90
CA ILE A 431 16.88 11.67 -14.09
C ILE A 431 15.55 12.40 -14.29
N GLU A 432 15.55 13.52 -15.01
CA GLU A 432 14.32 14.26 -15.23
C GLU A 432 13.47 13.48 -16.23
N LEU A 433 14.11 13.02 -17.30
CA LEU A 433 13.45 12.25 -18.34
C LEU A 433 14.57 11.52 -19.08
N SER A 434 14.98 10.39 -18.49
CA SER A 434 16.05 9.58 -19.02
C SER A 434 15.93 9.18 -20.48
N THR A 435 17.03 8.65 -21.01
CA THR A 435 17.04 8.18 -22.39
C THR A 435 16.18 6.93 -22.35
N PRO A 436 15.48 6.64 -23.45
CA PRO A 436 14.62 5.45 -23.46
C PRO A 436 15.26 4.15 -23.00
N ILE A 437 14.57 3.50 -22.08
CA ILE A 437 15.00 2.22 -21.53
C ILE A 437 13.76 1.35 -21.64
N PRO A 438 13.90 0.11 -22.11
CA PRO A 438 12.70 -0.72 -22.19
C PRO A 438 12.24 -1.19 -20.82
N LEU A 439 10.93 -1.18 -20.58
CA LEU A 439 10.42 -1.63 -19.29
C LEU A 439 10.95 -3.04 -19.06
N PHE A 440 11.41 -3.29 -17.84
CA PHE A 440 11.98 -4.58 -17.45
C PHE A 440 13.18 -4.97 -18.30
N GLY A 441 13.67 -4.03 -19.11
CA GLY A 441 14.81 -4.33 -19.96
C GLY A 441 14.46 -5.08 -21.23
N PHE A 442 13.22 -5.53 -21.33
CA PHE A 442 12.74 -6.28 -22.50
C PHE A 442 12.95 -5.48 -23.77
N GLU A 443 13.91 -5.89 -24.58
CA GLU A 443 14.19 -5.22 -25.84
C GLU A 443 13.14 -5.60 -26.87
N LYS A 444 12.65 -6.83 -26.77
CA LYS A 444 11.65 -7.30 -27.71
C LYS A 444 10.92 -8.52 -27.16
N ILE A 445 9.75 -8.81 -27.72
CA ILE A 445 8.96 -9.95 -27.29
C ILE A 445 9.47 -11.19 -28.02
N HIS A 446 9.51 -12.32 -27.31
CA HIS A 446 9.96 -13.57 -27.89
C HIS A 446 8.78 -14.54 -27.89
N PRO A 447 8.52 -15.18 -29.04
CA PRO A 447 7.41 -16.12 -29.18
C PRO A 447 7.29 -17.16 -28.06
N HIS A 448 6.05 -17.43 -27.68
CA HIS A 448 5.76 -18.41 -26.64
C HIS A 448 6.25 -19.78 -27.13
N PRO A 449 6.96 -20.51 -26.27
CA PRO A 449 7.48 -21.84 -26.65
C PRO A 449 6.47 -22.88 -27.12
N ARG A 450 5.24 -22.82 -26.63
CA ARG A 450 4.23 -23.80 -27.04
C ARG A 450 3.20 -23.26 -28.04
N VAL A 451 2.36 -22.33 -27.58
CA VAL A 451 1.32 -21.77 -28.43
C VAL A 451 1.79 -20.52 -29.18
N GLN A 452 1.66 -20.54 -30.51
CA GLN A 452 2.07 -19.40 -31.32
C GLN A 452 1.15 -19.21 -32.51
N TYR A 453 0.11 -18.41 -32.36
CA TYR A 453 -0.76 -18.16 -33.49
C TYR A 453 0.13 -17.46 -34.53
N SER A 454 0.14 -17.96 -35.76
CA SER A 454 0.99 -17.39 -36.81
C SER A 454 0.24 -16.88 -38.03
N LYS A 455 -1.07 -17.10 -38.07
CA LYS A 455 -1.87 -16.65 -39.21
C LYS A 455 -2.23 -15.18 -39.09
N PRO A 456 -2.77 -14.58 -40.17
CA PRO A 456 -3.15 -13.16 -40.18
C PRO A 456 -4.07 -12.71 -39.04
N ILE A 457 -3.82 -11.49 -38.55
CA ILE A 457 -4.60 -10.95 -37.45
C ILE A 457 -5.17 -9.57 -37.75
N CYS A 458 -6.38 -9.34 -37.29
CA CYS A 458 -7.04 -8.04 -37.47
C CYS A 458 -7.41 -7.53 -36.08
N VAL A 459 -6.77 -6.44 -35.68
CA VAL A 459 -7.03 -5.86 -34.36
C VAL A 459 -7.94 -4.65 -34.46
N LEU A 460 -9.02 -4.65 -33.67
CA LEU A 460 -9.98 -3.54 -33.67
C LEU A 460 -9.65 -2.61 -32.50
N ILE A 461 -9.36 -1.34 -32.79
CA ILE A 461 -9.05 -0.36 -31.75
C ILE A 461 -10.14 0.71 -31.62
N ASN A 462 -10.17 1.36 -30.46
CA ASN A 462 -11.17 2.36 -30.09
C ASN A 462 -10.50 3.55 -29.38
N GLU A 463 -11.19 4.68 -29.30
CA GLU A 463 -10.64 5.86 -28.61
C GLU A 463 -10.67 5.60 -27.10
N GLN A 464 -11.19 4.44 -26.71
CA GLN A 464 -11.26 4.08 -25.30
C GLN A 464 -10.33 2.91 -25.00
N ASP A 465 -9.15 2.96 -25.61
CA ASP A 465 -8.09 1.98 -25.40
C ASP A 465 -6.99 2.80 -24.75
N PHE A 466 -6.55 2.38 -23.56
CA PHE A 466 -5.53 3.12 -22.83
C PHE A 466 -4.34 2.25 -22.44
N SER A 467 -3.20 2.91 -22.23
CA SER A 467 -1.94 2.28 -21.84
C SER A 467 -1.67 0.96 -22.55
N CYS A 468 -1.69 -0.17 -21.84
CA CYS A 468 -1.45 -1.45 -22.50
C CYS A 468 -2.35 -1.62 -23.74
N ALA A 469 -3.51 -0.98 -23.73
CA ALA A 469 -4.43 -1.08 -24.87
C ALA A 469 -3.93 -0.16 -26.01
N ASP A 470 -2.98 0.73 -25.70
CA ASP A 470 -2.37 1.59 -26.70
C ASP A 470 -1.19 0.78 -27.24
N PHE A 471 -0.41 0.22 -26.33
CA PHE A 471 0.78 -0.57 -26.64
C PHE A 471 0.55 -1.82 -27.47
N PHE A 472 -0.58 -2.49 -27.25
CA PHE A 472 -0.89 -3.72 -27.98
C PHE A 472 -0.92 -3.41 -29.48
N PRO A 473 -1.78 -2.46 -29.91
CA PRO A 473 -1.79 -2.18 -31.34
C PRO A 473 -0.47 -1.58 -31.84
N VAL A 474 0.17 -0.75 -31.01
CA VAL A 474 1.44 -0.15 -31.38
C VAL A 474 2.50 -1.21 -31.71
N VAL A 475 2.54 -2.27 -30.92
CA VAL A 475 3.52 -3.34 -31.13
C VAL A 475 3.19 -4.20 -32.34
N LEU A 476 1.93 -4.55 -32.52
CA LEU A 476 1.54 -5.35 -33.65
C LEU A 476 1.69 -4.55 -34.94
N LYS A 477 1.30 -3.27 -34.89
CA LYS A 477 1.40 -2.43 -36.07
C LYS A 477 2.84 -2.11 -36.47
N ASP A 478 3.65 -1.68 -35.51
CA ASP A 478 5.03 -1.32 -35.80
C ASP A 478 5.93 -2.49 -36.18
N ASN A 479 5.48 -3.71 -35.89
CA ASN A 479 6.24 -4.89 -36.25
C ASN A 479 5.62 -5.55 -37.48
N ASP A 480 4.49 -5.00 -37.93
CA ASP A 480 3.78 -5.50 -39.10
C ASP A 480 3.26 -6.92 -38.91
N ARG A 481 2.73 -7.21 -37.74
CA ARG A 481 2.21 -8.54 -37.45
C ARG A 481 0.70 -8.59 -37.69
N ALA A 482 0.04 -7.44 -37.59
CA ALA A 482 -1.40 -7.39 -37.77
C ALA A 482 -1.92 -6.12 -38.44
N LEU A 483 -3.18 -6.20 -38.88
CA LEU A 483 -3.85 -5.09 -39.53
C LEU A 483 -4.65 -4.40 -38.43
N ILE A 484 -4.47 -3.10 -38.26
CA ILE A 484 -5.19 -2.35 -37.23
C ILE A 484 -6.39 -1.62 -37.83
N VAL A 485 -7.55 -1.80 -37.21
CA VAL A 485 -8.80 -1.21 -37.71
C VAL A 485 -9.61 -0.48 -36.63
N GLY A 486 -10.31 0.58 -37.04
CA GLY A 486 -11.14 1.34 -36.12
C GLY A 486 -10.79 2.82 -36.03
N THR A 487 -10.72 3.31 -34.80
CA THR A 487 -10.36 4.70 -34.55
C THR A 487 -9.13 4.76 -33.63
N ARG A 488 -8.38 5.85 -33.73
CA ARG A 488 -7.17 6.10 -32.95
C ARG A 488 -7.35 5.87 -31.45
N THR A 489 -6.35 5.23 -30.83
CA THR A 489 -6.38 4.96 -29.40
C THR A 489 -6.27 6.26 -28.60
N ALA A 490 -6.62 6.21 -27.32
CA ALA A 490 -6.61 7.39 -26.44
C ALA A 490 -5.27 8.09 -26.29
N GLY A 491 -4.20 7.34 -26.08
CA GLY A 491 -2.90 7.95 -25.92
C GLY A 491 -2.44 8.11 -24.48
N ALA A 492 -2.62 7.08 -23.66
CA ALA A 492 -2.13 7.11 -22.28
C ALA A 492 -0.80 6.42 -22.41
N GLY A 493 0.23 7.19 -22.78
CA GLY A 493 1.55 6.62 -23.03
C GLY A 493 2.63 6.67 -21.97
N GLY A 494 2.36 6.07 -20.82
CA GLY A 494 3.33 6.03 -19.74
C GLY A 494 2.78 5.13 -18.64
N PHE A 495 3.61 4.58 -17.78
CA PHE A 495 3.08 3.72 -16.74
C PHE A 495 2.52 4.56 -15.59
N VAL A 496 1.46 4.07 -14.97
CA VAL A 496 0.81 4.76 -13.87
C VAL A 496 1.34 4.30 -12.53
N PHE A 497 1.20 5.17 -11.54
CA PHE A 497 1.57 4.87 -10.18
C PHE A 497 0.66 5.76 -9.33
N ASN A 498 0.34 5.30 -8.13
CA ASN A 498 -0.55 6.05 -7.25
C ASN A 498 0.12 6.55 -5.99
N VAL A 499 -0.39 7.66 -5.49
CA VAL A 499 0.12 8.27 -4.28
C VAL A 499 -1.03 8.53 -3.32
N GLN A 500 -0.83 8.17 -2.05
CA GLN A 500 -1.84 8.41 -1.03
C GLN A 500 -1.10 9.13 0.07
N PHE A 501 -1.82 9.92 0.85
CA PHE A 501 -1.19 10.62 1.95
C PHE A 501 -2.29 11.18 2.85
N PRO A 502 -2.05 11.21 4.17
CA PRO A 502 -3.07 11.76 5.06
C PRO A 502 -3.28 13.23 4.72
N ASN A 503 -4.51 13.70 4.82
CA ASN A 503 -4.80 15.09 4.48
C ASN A 503 -6.23 15.39 4.89
N ARG A 504 -6.58 16.66 4.96
CA ARG A 504 -7.93 17.03 5.34
C ARG A 504 -8.80 17.58 4.21
N THR A 505 -8.30 17.48 2.99
CA THR A 505 -9.04 17.93 1.82
C THR A 505 -9.83 16.73 1.30
N GLY A 506 -9.63 15.57 1.92
CA GLY A 506 -10.35 14.38 1.51
C GLY A 506 -9.80 13.71 0.29
N ILE A 507 -8.51 13.91 0.05
CA ILE A 507 -7.87 13.32 -1.11
C ILE A 507 -7.55 11.85 -0.82
N LYS A 508 -8.09 10.97 -1.65
CA LYS A 508 -7.89 9.55 -1.48
C LYS A 508 -6.68 9.05 -2.27
N THR A 509 -6.60 9.44 -3.54
CA THR A 509 -5.48 9.01 -4.38
C THR A 509 -5.21 10.01 -5.49
N CYS A 510 -3.95 10.09 -5.90
CA CYS A 510 -3.58 10.93 -7.01
C CYS A 510 -2.71 10.06 -7.88
N SER A 511 -3.22 9.67 -9.02
CA SER A 511 -2.46 8.83 -9.94
C SER A 511 -1.66 9.73 -10.86
N LEU A 512 -0.44 9.31 -11.17
CA LEU A 512 0.44 10.07 -12.04
C LEU A 512 1.11 9.17 -13.05
N THR A 513 1.88 9.78 -13.94
CA THR A 513 2.56 9.05 -15.00
C THR A 513 4.07 9.12 -14.82
N GLY A 514 4.68 7.97 -14.59
CA GLY A 514 6.11 7.91 -14.36
C GLY A 514 7.00 7.75 -15.58
N SER A 515 6.40 7.62 -16.76
CA SER A 515 7.21 7.47 -17.97
C SER A 515 6.57 8.03 -19.23
N LEU A 516 7.39 8.11 -20.27
CA LEU A 516 6.98 8.58 -21.58
C LEU A 516 7.38 7.51 -22.59
N ALA A 517 6.42 6.72 -23.05
CA ALA A 517 6.72 5.68 -24.01
C ALA A 517 7.19 6.33 -25.31
N VAL A 518 8.15 5.69 -25.97
CA VAL A 518 8.71 6.20 -27.22
C VAL A 518 8.67 5.09 -28.26
N ARG A 519 7.94 5.32 -29.34
CA ARG A 519 7.84 4.33 -30.40
C ARG A 519 9.15 4.22 -31.17
N GLU A 520 9.37 3.08 -31.81
CA GLU A 520 10.59 2.80 -32.56
C GLU A 520 11.13 3.97 -33.38
N HIS A 521 10.30 4.51 -34.26
CA HIS A 521 10.70 5.63 -35.10
C HIS A 521 10.47 6.95 -34.37
N GLY A 522 10.61 6.91 -33.05
CA GLY A 522 10.38 8.11 -32.27
C GLY A 522 8.88 8.29 -32.15
N ALA A 523 8.44 9.50 -31.82
CA ALA A 523 7.01 9.78 -31.67
C ALA A 523 6.48 9.15 -30.38
N PHE A 524 5.89 10.00 -29.54
CA PHE A 524 5.35 9.56 -28.27
C PHE A 524 3.94 9.04 -28.48
N ILE A 525 3.43 8.33 -27.47
CA ILE A 525 2.08 7.79 -27.52
C ILE A 525 1.15 8.70 -26.72
N GLU A 526 1.72 9.39 -25.74
CA GLU A 526 0.94 10.28 -24.90
C GLU A 526 0.12 11.24 -25.78
N ASN A 527 -1.19 11.25 -25.58
CA ASN A 527 -2.11 12.09 -26.35
C ASN A 527 -2.29 11.64 -27.80
N ILE A 528 -1.17 11.37 -28.48
CA ILE A 528 -1.20 10.96 -29.87
C ILE A 528 -1.86 9.60 -30.08
N GLY A 529 -1.49 8.61 -29.28
CA GLY A 529 -2.07 7.29 -29.45
C GLY A 529 -1.64 6.70 -30.78
N VAL A 530 -2.33 5.65 -31.23
CA VAL A 530 -1.99 5.01 -32.50
C VAL A 530 -3.10 5.13 -33.53
N GLU A 531 -2.74 5.49 -34.75
CA GLU A 531 -3.71 5.59 -35.83
C GLU A 531 -3.88 4.18 -36.37
N PRO A 532 -5.09 3.79 -36.76
CA PRO A 532 -5.24 2.42 -37.28
C PRO A 532 -4.79 2.40 -38.75
N HIS A 533 -4.66 1.21 -39.32
CA HIS A 533 -4.29 1.10 -40.73
C HIS A 533 -5.50 1.59 -41.52
N ILE A 534 -6.67 1.11 -41.11
CA ILE A 534 -7.93 1.47 -41.75
C ILE A 534 -8.83 2.26 -40.80
N ASP A 535 -9.00 3.55 -41.05
CA ASP A 535 -9.86 4.35 -40.19
C ASP A 535 -11.30 3.97 -40.50
N LEU A 536 -11.93 3.29 -39.56
CA LEU A 536 -13.30 2.83 -39.74
C LEU A 536 -14.16 3.21 -38.54
N PRO A 537 -14.65 4.46 -38.51
CA PRO A 537 -15.50 4.87 -37.38
C PRO A 537 -16.86 4.20 -37.41
N PHE A 538 -17.58 4.27 -36.29
CA PHE A 538 -18.92 3.70 -36.18
C PHE A 538 -19.93 4.70 -36.71
N THR A 539 -20.80 4.26 -37.62
CA THR A 539 -21.82 5.15 -38.18
C THR A 539 -23.07 5.17 -37.31
N ALA A 540 -24.02 6.01 -37.69
CA ALA A 540 -25.28 6.11 -36.96
C ALA A 540 -26.02 4.79 -37.11
N ASN A 541 -25.85 4.16 -38.27
CA ASN A 541 -26.50 2.89 -38.56
C ASN A 541 -25.93 1.76 -37.71
N ASP A 542 -24.63 1.80 -37.45
CA ASP A 542 -23.98 0.77 -36.63
C ASP A 542 -24.48 0.84 -35.19
N ILE A 543 -24.49 2.05 -34.65
CA ILE A 543 -24.86 2.33 -33.26
C ILE A 543 -26.33 2.29 -32.87
N ARG A 544 -27.16 3.03 -33.59
CA ARG A 544 -28.59 3.13 -33.28
C ARG A 544 -29.23 1.90 -32.65
N TYR A 545 -29.25 0.78 -33.37
CA TYR A 545 -29.87 -0.43 -32.85
C TYR A 545 -28.84 -1.45 -32.43
N LYS A 546 -27.61 -0.97 -32.24
CA LYS A 546 -26.51 -1.80 -31.80
C LYS A 546 -26.21 -3.01 -32.69
N GLY A 547 -26.44 -2.85 -34.00
CA GLY A 547 -26.19 -3.93 -34.93
C GLY A 547 -24.79 -3.95 -35.54
N TYR A 548 -24.20 -2.76 -35.71
CA TYR A 548 -22.86 -2.64 -36.27
C TYR A 548 -22.70 -3.40 -37.59
N SER A 549 -23.77 -3.47 -38.37
CA SER A 549 -23.78 -4.19 -39.64
C SER A 549 -22.79 -3.62 -40.65
N GLU A 550 -22.83 -2.31 -40.89
CA GLU A 550 -21.91 -1.65 -41.81
C GLU A 550 -20.48 -1.89 -41.32
N TYR A 551 -20.25 -1.66 -40.03
CA TYR A 551 -18.93 -1.84 -39.44
C TYR A 551 -18.40 -3.27 -39.60
N LEU A 552 -19.18 -4.26 -39.15
CA LEU A 552 -18.73 -5.66 -39.26
C LEU A 552 -18.55 -6.14 -40.71
N ASP A 553 -19.38 -5.64 -41.62
CA ASP A 553 -19.27 -6.02 -43.03
C ASP A 553 -17.92 -5.61 -43.59
N LYS A 554 -17.46 -4.40 -43.24
CA LYS A 554 -16.18 -3.92 -43.72
C LYS A 554 -15.03 -4.75 -43.13
N VAL A 555 -15.15 -5.07 -41.84
CA VAL A 555 -14.12 -5.86 -41.18
C VAL A 555 -14.01 -7.25 -41.81
N LYS A 556 -15.15 -7.90 -42.03
CA LYS A 556 -15.14 -9.23 -42.63
C LYS A 556 -14.52 -9.19 -44.02
N LYS A 557 -14.79 -8.13 -44.76
CA LYS A 557 -14.23 -7.98 -46.09
C LYS A 557 -12.72 -7.80 -45.96
N LEU A 558 -12.30 -6.99 -44.99
CA LEU A 558 -10.87 -6.74 -44.76
C LEU A 558 -10.14 -8.02 -44.38
N VAL A 559 -10.81 -8.89 -43.63
CA VAL A 559 -10.22 -10.15 -43.21
C VAL A 559 -10.08 -11.06 -44.42
N CYS A 560 -11.06 -11.02 -45.33
CA CYS A 560 -11.01 -11.82 -46.54
C CYS A 560 -9.75 -11.47 -47.32
N GLN A 561 -9.54 -10.18 -47.54
CA GLN A 561 -8.37 -9.72 -48.27
C GLN A 561 -7.10 -10.17 -47.56
N LEU A 562 -7.16 -10.28 -46.24
CA LEU A 562 -5.99 -10.73 -45.47
C LEU A 562 -5.71 -12.19 -45.76
N ILE A 563 -6.76 -13.01 -45.81
CA ILE A 563 -6.62 -14.43 -46.10
C ILE A 563 -6.15 -14.67 -47.53
N ASN A 564 -6.84 -14.05 -48.48
CA ASN A 564 -6.51 -14.22 -49.89
C ASN A 564 -5.21 -13.56 -50.32
N ASN A 565 -5.06 -12.26 -50.08
CA ASN A 565 -3.85 -11.55 -50.46
C ASN A 565 -2.70 -11.80 -49.49
N ASP A 566 -3.00 -12.44 -48.37
CA ASP A 566 -1.98 -12.73 -47.36
C ASP A 566 -1.26 -11.46 -46.91
N GLY A 567 -1.66 -10.94 -45.74
CA GLY A 567 -1.03 -9.75 -45.22
C GLY A 567 -1.36 -8.49 -46.01
N SER B 1 20.46 25.23 -3.83
CA SER B 1 20.84 23.79 -3.73
C SER B 1 19.65 22.88 -3.99
N LEU B 2 19.81 21.94 -4.93
CA LEU B 2 18.76 21.00 -5.28
C LEU B 2 18.39 20.12 -4.08
N VAL B 3 19.41 19.46 -3.52
CA VAL B 3 19.22 18.59 -2.38
C VAL B 3 18.60 19.34 -1.21
N CYS B 4 19.10 20.55 -0.93
CA CYS B 4 18.57 21.35 0.17
C CYS B 4 17.12 21.71 -0.05
N LYS B 5 16.79 22.21 -1.24
CA LYS B 5 15.41 22.59 -1.55
C LYS B 5 14.46 21.41 -1.38
N ASN B 6 14.86 20.24 -1.84
CA ASN B 6 14.03 19.06 -1.72
C ASN B 6 13.88 18.64 -0.25
N ALA B 7 14.97 18.77 0.50
CA ALA B 7 14.96 18.41 1.92
C ALA B 7 13.98 19.31 2.65
N LEU B 8 14.04 20.61 2.34
CA LEU B 8 13.14 21.57 2.97
C LEU B 8 11.70 21.26 2.58
N GLN B 9 11.51 20.92 1.31
CA GLN B 9 10.18 20.60 0.81
C GLN B 9 9.60 19.40 1.55
N ASP B 10 10.37 18.32 1.62
CA ASP B 10 9.90 17.12 2.27
C ASP B 10 9.73 17.32 3.78
N LEU B 11 10.58 18.15 4.37
CA LEU B 11 10.48 18.45 5.79
C LEU B 11 9.13 19.12 6.01
N SER B 12 8.82 20.09 5.15
CA SER B 12 7.58 20.82 5.28
C SER B 12 6.39 19.87 5.14
N PHE B 13 6.55 18.84 4.31
CA PHE B 13 5.46 17.88 4.16
C PHE B 13 5.30 17.09 5.46
N LEU B 14 6.41 16.62 6.02
CA LEU B 14 6.36 15.87 7.26
C LEU B 14 5.73 16.71 8.36
N GLU B 15 6.18 17.95 8.47
CA GLU B 15 5.65 18.86 9.48
C GLU B 15 4.13 18.96 9.34
N HIS B 16 3.64 19.00 8.11
CA HIS B 16 2.19 19.10 7.91
C HIS B 16 1.49 17.83 8.34
N LEU B 17 2.14 16.68 8.15
CA LEU B 17 1.54 15.41 8.57
C LEU B 17 1.39 15.41 10.09
N LEU B 18 2.36 16.03 10.77
CA LEU B 18 2.33 16.11 12.23
C LEU B 18 1.18 16.93 12.81
N GLN B 19 0.56 17.77 11.98
CA GLN B 19 -0.57 18.56 12.46
C GLN B 19 -1.90 17.99 12.02
N VAL B 20 -1.86 17.13 11.00
CA VAL B 20 -3.09 16.55 10.48
C VAL B 20 -3.36 15.10 10.90
N LYS B 21 -2.30 14.33 11.13
CA LYS B 21 -2.47 12.94 11.50
C LYS B 21 -1.53 12.39 12.58
N TYR B 22 -1.15 13.21 13.55
CA TYR B 22 -0.27 12.71 14.61
C TYR B 22 -0.96 12.95 15.94
N ALA B 23 -1.70 11.94 16.38
CA ALA B 23 -2.48 12.01 17.61
C ALA B 23 -1.75 12.37 18.88
N PRO B 24 -0.52 11.86 19.08
CA PRO B 24 0.20 12.19 20.32
C PRO B 24 0.82 13.58 20.41
N LYS B 25 0.53 14.45 19.45
CA LYS B 25 1.06 15.81 19.44
C LYS B 25 0.88 16.54 20.77
N THR B 26 -0.36 16.62 21.25
CA THR B 26 -0.64 17.29 22.51
C THR B 26 0.12 16.67 23.68
N TRP B 27 0.32 15.35 23.62
CA TRP B 27 1.04 14.65 24.66
C TRP B 27 2.53 14.98 24.67
N LYS B 28 3.12 15.06 23.49
CA LYS B 28 4.54 15.37 23.37
C LYS B 28 4.86 16.79 23.86
N GLU B 29 3.96 17.72 23.58
CA GLU B 29 4.17 19.10 24.01
C GLU B 29 4.22 19.14 25.53
N GLN B 30 3.37 18.35 26.18
CA GLN B 30 3.37 18.34 27.63
C GLN B 30 4.38 17.41 28.27
N TYR B 31 4.58 16.22 27.69
CA TYR B 31 5.52 15.26 28.23
C TYR B 31 6.97 15.62 27.95
N LEU B 32 7.22 16.21 26.78
CA LEU B 32 8.56 16.61 26.38
C LEU B 32 8.80 18.12 26.35
N GLY B 33 7.73 18.91 26.37
CA GLY B 33 7.90 20.36 26.28
C GLY B 33 8.27 20.63 24.83
N TRP B 34 7.91 19.67 23.99
CA TRP B 34 8.17 19.71 22.57
C TRP B 34 7.24 20.71 21.85
N ASP B 35 7.74 21.32 20.79
CA ASP B 35 6.96 22.26 20.00
C ASP B 35 7.23 22.03 18.53
N LEU B 36 6.18 21.72 17.78
CA LEU B 36 6.29 21.44 16.36
C LEU B 36 6.98 22.51 15.52
N VAL B 37 6.41 23.71 15.48
CA VAL B 37 6.99 24.79 14.70
C VAL B 37 8.47 25.00 15.02
N GLN B 38 8.78 25.12 16.31
CA GLN B 38 10.15 25.32 16.75
C GLN B 38 11.11 24.20 16.34
N SER B 39 10.67 22.94 16.46
CA SER B 39 11.52 21.82 16.07
C SER B 39 11.73 21.88 14.57
N SER B 40 10.69 22.28 13.85
CA SER B 40 10.77 22.39 12.40
C SER B 40 11.76 23.50 12.02
N VAL B 41 11.56 24.68 12.61
CA VAL B 41 12.43 25.81 12.34
C VAL B 41 13.89 25.43 12.60
N SER B 42 14.10 24.65 13.65
CA SER B 42 15.46 24.22 14.00
C SER B 42 16.02 23.31 12.92
N ALA B 43 15.20 22.37 12.44
CA ALA B 43 15.64 21.44 11.40
C ALA B 43 15.96 22.22 10.14
N GLN B 44 15.08 23.15 9.77
CA GLN B 44 15.27 23.97 8.57
C GLN B 44 16.61 24.67 8.60
N GLN B 45 16.91 25.29 9.74
CA GLN B 45 18.16 25.99 9.89
C GLN B 45 19.37 25.07 9.70
N LYS B 46 19.28 23.87 10.24
CA LYS B 46 20.38 22.93 10.08
C LYS B 46 20.59 22.64 8.59
N LEU B 47 19.50 22.58 7.83
CA LEU B 47 19.59 22.32 6.40
C LEU B 47 20.06 23.55 5.63
N ARG B 48 19.56 24.71 6.01
CA ARG B 48 19.92 25.96 5.34
C ARG B 48 21.34 26.44 5.61
N THR B 49 21.83 26.22 6.82
CA THR B 49 23.17 26.65 7.19
C THR B 49 24.28 25.72 6.70
N GLN B 50 23.91 24.72 5.91
CA GLN B 50 24.88 23.77 5.37
C GLN B 50 25.38 24.20 3.99
N GLU B 51 26.68 23.99 3.75
CA GLU B 51 27.27 24.35 2.47
C GLU B 51 26.63 23.55 1.35
N ASN B 52 27.24 22.42 1.02
CA ASN B 52 26.73 21.55 -0.02
C ASN B 52 26.22 20.31 0.69
N PRO B 53 25.07 20.43 1.38
CA PRO B 53 24.50 19.31 2.11
C PRO B 53 24.29 18.07 1.24
N SER B 54 24.84 16.96 1.68
CA SER B 54 24.68 15.70 0.97
C SER B 54 23.29 15.17 1.29
N THR B 55 22.85 14.17 0.54
CA THR B 55 21.54 13.58 0.77
C THR B 55 21.52 12.88 2.14
N SER B 56 22.56 12.10 2.43
CA SER B 56 22.62 11.40 3.70
C SER B 56 22.57 12.38 4.87
N PHE B 57 23.13 13.56 4.68
CA PHE B 57 23.11 14.58 5.72
C PHE B 57 21.67 15.01 5.98
N CYS B 58 20.96 15.32 4.90
CA CYS B 58 19.58 15.74 5.00
C CYS B 58 18.69 14.62 5.56
N GLN B 59 19.04 13.38 5.24
CA GLN B 59 18.27 12.25 5.74
C GLN B 59 18.40 12.19 7.26
N GLN B 60 19.63 12.41 7.73
CA GLN B 60 19.92 12.43 9.16
C GLN B 60 19.10 13.53 9.83
N VAL B 61 19.03 14.69 9.19
CA VAL B 61 18.27 15.80 9.76
C VAL B 61 16.79 15.50 9.88
N LEU B 62 16.23 14.88 8.85
CA LEU B 62 14.81 14.54 8.86
C LEU B 62 14.55 13.44 9.88
N ALA B 63 15.45 12.47 9.94
CA ALA B 63 15.33 11.37 10.88
C ALA B 63 15.42 11.88 12.33
N ASP B 64 16.27 12.88 12.57
CA ASP B 64 16.42 13.43 13.91
C ASP B 64 15.19 14.23 14.29
N PHE B 65 14.58 14.88 13.29
CA PHE B 65 13.38 15.67 13.49
C PHE B 65 12.24 14.75 13.98
N ILE B 66 12.07 13.61 13.31
CA ILE B 66 11.02 12.68 13.73
C ILE B 66 11.45 11.99 15.01
N GLY B 67 12.74 11.74 15.15
CA GLY B 67 13.24 11.11 16.36
C GLY B 67 12.97 11.99 17.58
N GLY B 68 12.79 13.28 17.34
CA GLY B 68 12.54 14.21 18.42
C GLY B 68 11.17 14.03 19.06
N LEU B 69 10.30 13.26 18.41
CA LEU B 69 8.97 13.02 18.95
C LEU B 69 9.03 12.01 20.10
N ASN B 70 10.17 11.36 20.27
CA ASN B 70 10.33 10.35 21.32
C ASN B 70 9.13 9.39 21.25
N ASP B 71 8.89 8.85 20.06
CA ASP B 71 7.78 7.94 19.80
C ASP B 71 8.35 6.67 19.15
N PHE B 72 8.33 5.55 19.86
CA PHE B 72 8.90 4.33 19.28
C PHE B 72 8.21 3.96 17.97
N HIS B 73 6.99 4.44 17.78
CA HIS B 73 6.24 4.19 16.54
C HIS B 73 6.62 5.17 15.42
N ALA B 74 6.97 6.40 15.77
CA ALA B 74 7.30 7.40 14.77
C ALA B 74 8.75 7.37 14.26
N GLY B 75 8.91 7.24 12.95
CA GLY B 75 10.25 7.18 12.38
C GLY B 75 10.31 7.21 10.87
N VAL B 76 11.47 7.55 10.32
CA VAL B 76 11.65 7.60 8.88
C VAL B 76 12.68 6.59 8.40
N THR B 77 12.38 5.89 7.31
CA THR B 77 13.33 4.94 6.74
C THR B 77 13.66 5.52 5.37
N PHE B 78 14.85 5.22 4.87
CA PHE B 78 15.26 5.77 3.58
C PHE B 78 15.71 4.73 2.58
N PHE B 79 15.65 5.09 1.29
CA PHE B 79 16.10 4.17 0.23
C PHE B 79 17.62 4.29 0.22
N ALA B 80 18.27 3.60 1.16
CA ALA B 80 19.73 3.63 1.30
C ALA B 80 20.18 2.31 1.91
N ILE B 81 21.31 1.78 1.47
CA ILE B 81 21.78 0.49 2.00
C ILE B 81 23.04 0.52 2.85
N GLU B 82 23.75 1.64 2.87
CA GLU B 82 24.97 1.72 3.66
C GLU B 82 24.72 1.27 5.10
N SER B 83 25.59 0.43 5.65
CA SER B 83 25.43 -0.04 7.01
C SER B 83 26.72 -0.54 7.64
N ALA B 84 26.73 -0.59 8.96
CA ALA B 84 27.89 -1.06 9.73
C ALA B 84 27.36 -2.00 10.80
N TYR B 85 28.04 -3.13 11.00
CA TYR B 85 27.59 -4.11 11.97
C TYR B 85 28.73 -4.86 12.65
N LEU B 86 28.60 -5.06 13.96
CA LEU B 86 29.58 -5.82 14.75
C LEU B 86 28.80 -6.98 15.37
N PRO B 87 29.27 -8.23 15.17
CA PRO B 87 28.67 -9.47 15.66
C PRO B 87 28.63 -9.74 17.17
N TYR B 88 28.16 -8.78 17.94
CA TYR B 88 28.07 -8.95 19.39
C TYR B 88 26.73 -8.48 19.92
N THR B 89 26.40 -8.91 21.13
CA THR B 89 25.16 -8.50 21.76
C THR B 89 25.43 -8.20 23.22
N VAL B 90 25.05 -7.01 23.65
CA VAL B 90 25.25 -6.60 25.03
C VAL B 90 23.91 -6.46 25.74
N GLN B 91 23.93 -6.58 27.06
CA GLN B 91 22.72 -6.42 27.86
C GLN B 91 23.10 -5.65 29.13
N LYS B 92 22.32 -4.63 29.44
CA LYS B 92 22.59 -3.82 30.61
C LYS B 92 21.93 -4.41 31.85
N SER B 93 22.72 -4.63 32.90
CA SER B 93 22.19 -5.20 34.14
C SER B 93 21.62 -4.11 35.04
N SER B 94 20.94 -4.52 36.10
CA SER B 94 20.33 -3.59 37.04
C SER B 94 21.35 -2.72 37.77
N ASP B 95 22.60 -3.16 37.83
CA ASP B 95 23.62 -2.36 38.51
C ASP B 95 24.28 -1.36 37.54
N GLY B 96 23.73 -1.26 36.32
CA GLY B 96 24.25 -0.30 35.36
C GLY B 96 25.44 -0.70 34.50
N ARG B 97 25.87 -1.95 34.57
CA ARG B 97 27.00 -2.37 33.77
C ARG B 97 26.54 -3.09 32.50
N PHE B 98 27.33 -2.97 31.44
CA PHE B 98 27.02 -3.60 30.17
C PHE B 98 27.81 -4.89 29.98
N TYR B 99 27.11 -5.98 29.72
CA TYR B 99 27.76 -7.28 29.52
C TYR B 99 27.48 -7.91 28.18
N PHE B 100 28.48 -8.60 27.64
CA PHE B 100 28.32 -9.30 26.37
C PHE B 100 27.52 -10.57 26.70
N VAL B 101 26.40 -10.78 26.01
CA VAL B 101 25.60 -11.98 26.24
C VAL B 101 25.61 -12.87 25.02
N ASP B 102 26.24 -12.42 23.94
CA ASP B 102 26.33 -13.23 22.75
C ASP B 102 27.45 -12.80 21.81
N ILE B 103 28.11 -13.80 21.22
CA ILE B 103 29.19 -13.59 20.29
C ILE B 103 28.81 -14.35 19.01
N MET B 104 28.76 -13.65 17.88
CA MET B 104 28.37 -14.31 16.64
C MET B 104 29.44 -14.32 15.55
N THR B 105 30.67 -14.66 15.92
CA THR B 105 31.76 -14.73 14.96
C THR B 105 32.75 -15.81 15.40
N PHE B 106 33.73 -16.12 14.56
CA PHE B 106 34.71 -17.15 14.89
C PHE B 106 35.40 -16.90 16.22
N SER B 107 35.93 -17.98 16.79
CA SER B 107 36.61 -17.95 18.08
C SER B 107 37.55 -16.79 18.32
N SER B 108 37.05 -15.73 18.96
CA SER B 108 37.90 -14.59 19.24
C SER B 108 37.99 -14.26 20.74
N GLU B 109 38.76 -13.23 21.07
CA GLU B 109 39.02 -12.78 22.44
C GLU B 109 37.85 -12.52 23.37
N ILE B 110 36.87 -11.76 22.91
CA ILE B 110 35.71 -11.43 23.74
C ILE B 110 34.91 -12.66 24.13
N ARG B 111 34.61 -12.79 25.42
CA ARG B 111 33.82 -13.92 25.93
C ARG B 111 32.49 -13.43 26.49
N VAL B 112 31.51 -14.32 26.52
CA VAL B 112 30.22 -13.99 27.12
C VAL B 112 30.58 -13.74 28.57
N GLY B 113 30.05 -12.68 29.16
CA GLY B 113 30.34 -12.40 30.55
C GLY B 113 31.29 -11.22 30.73
N ASP B 114 31.98 -10.83 29.65
CA ASP B 114 32.90 -9.69 29.67
C ASP B 114 32.06 -8.43 29.84
N GLU B 115 32.63 -7.44 30.52
CA GLU B 115 31.93 -6.19 30.71
C GLU B 115 32.49 -5.23 29.66
N LEU B 116 31.59 -4.53 28.96
CA LEU B 116 32.01 -3.57 27.96
C LEU B 116 32.26 -2.26 28.68
N LEU B 117 33.48 -1.75 28.56
CA LEU B 117 33.83 -0.50 29.24
C LEU B 117 33.86 0.72 28.32
N GLU B 118 34.59 0.63 27.23
CA GLU B 118 34.73 1.75 26.32
C GLU B 118 34.69 1.35 24.85
N VAL B 119 34.52 2.37 24.00
CA VAL B 119 34.51 2.20 22.56
C VAL B 119 35.37 3.35 22.04
N ASP B 120 36.61 3.02 21.64
CA ASP B 120 37.57 4.01 21.15
C ASP B 120 37.99 5.00 22.21
N GLY B 121 38.19 4.50 23.42
CA GLY B 121 38.62 5.36 24.51
C GLY B 121 37.50 6.06 25.24
N ALA B 122 36.30 6.03 24.66
CA ALA B 122 35.16 6.67 25.28
C ALA B 122 34.31 5.64 26.03
N PRO B 123 33.93 5.96 27.27
CA PRO B 123 33.10 5.01 28.04
C PRO B 123 31.79 4.74 27.30
N VAL B 124 31.31 3.50 27.40
CA VAL B 124 30.09 3.08 26.72
C VAL B 124 28.95 4.09 26.86
N GLN B 125 28.72 4.54 28.09
CA GLN B 125 27.66 5.50 28.37
C GLN B 125 27.70 6.70 27.44
N ASP B 126 28.87 7.28 27.26
CA ASP B 126 29.00 8.44 26.38
C ASP B 126 28.70 8.08 24.93
N VAL B 127 29.18 6.94 24.50
CA VAL B 127 28.93 6.49 23.15
C VAL B 127 27.42 6.33 22.94
N LEU B 128 26.75 5.72 23.91
CA LEU B 128 25.31 5.53 23.83
C LEU B 128 24.56 6.85 23.74
N ALA B 129 24.98 7.83 24.54
CA ALA B 129 24.34 9.14 24.53
C ALA B 129 24.37 9.77 23.15
N THR B 130 25.43 9.50 22.39
CA THR B 130 25.50 10.07 21.05
C THR B 130 24.39 9.45 20.21
N LEU B 131 23.87 8.31 20.66
CA LEU B 131 22.83 7.61 19.92
C LEU B 131 21.40 7.93 20.37
N TYR B 132 21.27 8.73 21.42
CA TYR B 132 19.95 9.10 21.93
C TYR B 132 19.22 10.04 20.97
N GLY B 133 17.93 10.21 21.19
CA GLY B 133 17.13 11.11 20.38
C GLY B 133 17.24 12.52 20.94
N SER B 134 16.58 13.48 20.29
CA SER B 134 16.61 14.88 20.71
C SER B 134 15.98 15.16 22.06
N ASN B 135 14.88 14.49 22.35
CA ASN B 135 14.19 14.70 23.61
C ASN B 135 14.25 13.48 24.52
N HIS B 136 15.43 12.87 24.54
CA HIS B 136 15.70 11.70 25.37
C HIS B 136 15.32 11.98 26.81
N LYS B 137 14.62 11.04 27.44
CA LYS B 137 14.19 11.23 28.82
C LYS B 137 14.81 10.26 29.82
N GLY B 138 15.86 9.58 29.41
CA GLY B 138 16.53 8.65 30.31
C GLY B 138 15.77 7.43 30.77
N THR B 139 14.70 7.03 30.07
CA THR B 139 13.98 5.83 30.49
C THR B 139 14.74 4.58 30.06
N ALA B 140 14.54 3.49 30.78
CA ALA B 140 15.20 2.24 30.44
C ALA B 140 14.86 1.83 28.99
N ALA B 141 13.61 2.04 28.59
CA ALA B 141 13.21 1.68 27.23
C ALA B 141 14.02 2.44 26.18
N GLU B 142 14.27 3.74 26.42
CA GLU B 142 15.07 4.53 25.47
C GLU B 142 16.52 4.04 25.48
N GLU B 143 16.99 3.64 26.65
CA GLU B 143 18.36 3.14 26.78
C GLU B 143 18.55 1.89 25.92
N SER B 144 17.62 0.95 26.05
CA SER B 144 17.69 -0.29 25.28
C SER B 144 17.52 -0.03 23.79
N ALA B 145 16.67 0.93 23.44
CA ALA B 145 16.47 1.22 22.02
C ALA B 145 17.81 1.70 21.45
N ALA B 146 18.55 2.48 22.23
CA ALA B 146 19.86 2.99 21.79
C ALA B 146 20.88 1.86 21.72
N LEU B 147 20.82 0.95 22.68
CA LEU B 147 21.74 -0.17 22.73
C LEU B 147 21.60 -1.01 21.47
N ARG B 148 20.37 -1.19 20.98
CA ARG B 148 20.12 -1.97 19.77
C ARG B 148 20.97 -1.48 18.62
N THR B 149 21.19 -0.17 18.57
CA THR B 149 21.97 0.42 17.51
C THR B 149 23.48 0.56 17.79
N LEU B 150 23.90 0.26 19.02
CA LEU B 150 25.32 0.37 19.37
C LEU B 150 26.18 -0.37 18.33
N PHE B 151 25.83 -1.62 18.04
CA PHE B 151 26.59 -2.39 17.06
C PHE B 151 25.89 -2.57 15.71
N SER B 152 24.92 -1.72 15.42
CA SER B 152 24.19 -1.83 14.16
C SER B 152 23.77 -0.44 13.67
N ARG B 153 24.54 0.12 12.75
CA ARG B 153 24.26 1.45 12.21
C ARG B 153 23.73 1.31 10.79
N MET B 154 22.63 1.98 10.49
CA MET B 154 22.02 1.86 9.17
C MET B 154 21.59 3.18 8.57
N ALA B 155 22.10 3.49 7.38
CA ALA B 155 21.72 4.73 6.72
C ALA B 155 20.22 4.65 6.41
N SER B 156 19.69 3.43 6.35
CA SER B 156 18.27 3.23 6.07
C SER B 156 17.42 3.82 7.19
N LEU B 157 18.03 4.01 8.35
CA LEU B 157 17.31 4.57 9.48
C LEU B 157 17.79 5.99 9.79
N GLY B 158 18.66 6.52 8.94
CA GLY B 158 19.16 7.87 9.15
C GLY B 158 20.37 7.96 10.06
N HIS B 159 21.03 6.83 10.31
CA HIS B 159 22.21 6.81 11.15
C HIS B 159 23.43 7.21 10.33
N LYS B 160 24.43 7.77 11.01
CA LYS B 160 25.69 8.09 10.34
C LYS B 160 26.34 6.71 10.41
N VAL B 161 26.89 6.24 9.30
CA VAL B 161 27.51 4.92 9.32
C VAL B 161 29.03 4.96 9.43
N PRO B 162 29.59 4.33 10.48
CA PRO B 162 31.03 4.30 10.70
C PRO B 162 31.61 3.12 9.91
N SER B 163 32.94 3.00 9.92
CA SER B 163 33.62 1.92 9.22
C SER B 163 35.03 1.84 9.76
N GLY B 164 35.76 0.82 9.35
CA GLY B 164 37.13 0.65 9.81
C GLY B 164 37.18 -0.05 11.15
N ARG B 165 38.37 -0.04 11.74
CA ARG B 165 38.55 -0.70 13.03
C ARG B 165 38.20 0.22 14.18
N THR B 166 37.78 -0.39 15.29
CA THR B 166 37.43 0.34 16.49
C THR B 166 37.85 -0.54 17.66
N THR B 167 38.22 0.06 18.77
CA THR B 167 38.65 -0.71 19.92
C THR B 167 37.62 -0.81 21.01
N LEU B 168 37.39 -2.03 21.48
CA LEU B 168 36.42 -2.27 22.54
C LEU B 168 37.20 -2.58 23.82
N LYS B 169 37.03 -1.75 24.84
CA LYS B 169 37.72 -2.02 26.09
C LYS B 169 36.76 -2.82 26.97
N ILE B 170 37.20 -3.98 27.40
CA ILE B 170 36.38 -4.85 28.22
C ILE B 170 37.07 -5.23 29.52
N ARG B 171 36.30 -5.74 30.47
CA ARG B 171 36.89 -6.21 31.71
C ARG B 171 36.44 -7.64 31.92
N ARG B 172 37.38 -8.52 32.24
CA ARG B 172 37.08 -9.92 32.48
C ARG B 172 36.43 -10.04 33.83
N PRO B 173 35.70 -11.13 34.07
CA PRO B 173 35.05 -11.28 35.38
C PRO B 173 36.06 -11.36 36.52
N PHE B 174 37.27 -11.83 36.24
CA PHE B 174 38.27 -11.90 37.29
C PHE B 174 38.97 -10.56 37.53
N GLY B 175 38.53 -9.53 36.79
CA GLY B 175 39.10 -8.21 37.00
C GLY B 175 40.01 -7.56 35.97
N THR B 176 40.78 -8.35 35.23
CA THR B 176 41.69 -7.75 34.26
C THR B 176 41.00 -7.13 33.08
N THR B 177 41.65 -6.11 32.52
CA THR B 177 41.17 -5.35 31.38
C THR B 177 41.85 -5.77 30.07
N ARG B 178 41.09 -5.73 28.97
CA ARG B 178 41.63 -6.09 27.67
C ARG B 178 41.09 -5.11 26.63
N GLU B 179 41.91 -4.79 25.63
CA GLU B 179 41.46 -3.89 24.57
C GLU B 179 41.39 -4.74 23.31
N VAL B 180 40.17 -4.94 22.82
CA VAL B 180 39.98 -5.76 21.63
C VAL B 180 39.68 -4.92 20.41
N ARG B 181 40.64 -4.93 19.48
CA ARG B 181 40.50 -4.18 18.25
C ARG B 181 39.61 -5.01 17.34
N VAL B 182 38.51 -4.40 16.90
CA VAL B 182 37.56 -5.06 16.03
C VAL B 182 37.29 -4.23 14.77
N LYS B 183 36.82 -4.88 13.71
CA LYS B 183 36.53 -4.18 12.47
C LYS B 183 35.06 -4.22 12.07
N TRP B 184 34.47 -3.05 11.86
CA TRP B 184 33.08 -2.96 11.45
C TRP B 184 32.85 -3.74 10.16
N ARG B 185 31.71 -4.42 10.10
CA ARG B 185 31.33 -5.14 8.90
C ARG B 185 30.57 -4.04 8.15
N TYR B 186 31.20 -3.52 7.10
CA TYR B 186 30.65 -2.41 6.33
C TYR B 186 30.09 -2.73 4.95
N VAL B 187 28.96 -2.09 4.65
CA VAL B 187 28.31 -2.23 3.36
C VAL B 187 28.24 -0.81 2.81
N PRO B 188 28.94 -0.54 1.69
CA PRO B 188 28.93 0.81 1.10
C PRO B 188 27.57 1.18 0.52
N GLU B 189 27.34 2.47 0.32
CA GLU B 189 26.08 2.94 -0.24
C GLU B 189 25.97 2.59 -1.71
N GLY B 190 24.80 2.09 -2.12
CA GLY B 190 24.60 1.72 -3.50
C GLY B 190 23.70 2.72 -4.21
N VAL B 191 23.17 3.65 -3.44
CA VAL B 191 22.29 4.68 -3.99
C VAL B 191 23.06 5.98 -3.98
N GLY B 192 23.55 6.37 -5.16
CA GLY B 192 24.34 7.59 -5.29
C GLY B 192 23.71 8.81 -4.68
N ASP B 193 24.48 9.50 -3.84
CA ASP B 193 24.00 10.70 -3.18
C ASP B 193 23.62 11.73 -4.25
N LEU B 194 22.44 12.33 -4.09
CA LEU B 194 21.95 13.30 -5.05
C LEU B 194 22.82 14.55 -5.11
N ALA B 195 23.43 14.92 -3.98
CA ALA B 195 24.28 16.10 -3.92
C ALA B 195 25.44 16.00 -4.90
N THR B 196 25.94 14.79 -5.08
CA THR B 196 27.06 14.53 -5.99
C THR B 196 26.60 14.59 -7.45
N ILE B 197 25.39 14.10 -7.69
CA ILE B 197 24.82 14.06 -9.03
C ILE B 197 24.23 15.39 -9.49
N ALA B 198 23.78 16.20 -8.54
CA ALA B 198 23.15 17.49 -8.84
C ALA B 198 23.77 18.34 -9.96
N PRO B 199 25.07 18.65 -9.87
CA PRO B 199 25.71 19.46 -10.90
C PRO B 199 25.55 18.97 -12.34
N SER B 200 25.39 17.67 -12.53
CA SER B 200 25.26 17.12 -13.88
C SER B 200 23.80 16.89 -14.31
N ILE B 201 22.84 17.37 -13.53
CA ILE B 201 21.44 17.19 -13.87
C ILE B 201 20.98 18.28 -14.84
N ARG B 202 20.64 17.86 -16.06
CA ARG B 202 20.19 18.80 -17.07
C ARG B 202 18.66 18.77 -17.22
N ALA B 203 18.11 19.84 -17.78
CA ALA B 203 16.68 19.93 -17.99
C ALA B 203 16.21 18.85 -18.96
N PRO B 204 14.96 18.39 -18.83
CA PRO B 204 14.45 17.35 -19.73
C PRO B 204 14.12 17.88 -21.12
N GLN B 205 14.56 17.17 -22.14
CA GLN B 205 14.30 17.56 -23.52
C GLN B 205 13.82 16.36 -24.35
N LEU B 206 12.88 16.63 -25.26
CA LEU B 206 12.32 15.59 -26.12
C LEU B 206 13.34 15.09 -27.14
N GLY B 252 16.52 -16.38 21.26
CA GLY B 252 17.62 -15.43 21.27
C GLY B 252 17.20 -14.10 21.85
N TYR B 253 18.11 -13.12 21.79
CA TYR B 253 17.86 -11.79 22.32
C TYR B 253 17.15 -10.87 21.34
N ASN B 254 16.92 -11.34 20.12
CA ASN B 254 16.23 -10.55 19.09
C ASN B 254 14.79 -10.21 19.48
N ILE B 255 14.37 -8.99 19.23
CA ILE B 255 13.00 -8.60 19.50
C ILE B 255 12.15 -9.46 18.55
N GLY B 256 11.09 -10.09 19.08
CA GLY B 256 10.25 -10.93 18.25
C GLY B 256 10.74 -12.37 18.15
N SER B 257 11.85 -12.69 18.79
CA SER B 257 12.39 -14.05 18.78
C SER B 257 11.38 -15.05 19.35
N THR B 258 11.18 -16.15 18.62
CA THR B 258 10.23 -17.18 19.07
C THR B 258 10.57 -17.77 20.43
N ASP B 259 11.85 -18.13 20.61
CA ASP B 259 12.27 -18.74 21.86
C ASP B 259 12.66 -17.80 22.98
N GLY B 260 13.06 -16.58 22.66
CA GLY B 260 13.44 -15.68 23.74
C GLY B 260 14.77 -16.14 24.32
N PHE B 261 15.08 -15.67 25.52
CA PHE B 261 16.38 -16.00 26.12
C PHE B 261 16.34 -16.65 27.49
N LEU B 262 15.14 -16.95 27.98
CA LEU B 262 15.01 -17.57 29.28
C LEU B 262 15.14 -19.10 29.25
N PRO B 263 15.96 -19.66 30.15
CA PRO B 263 16.13 -21.12 30.19
C PRO B 263 14.90 -21.76 30.82
N VAL B 264 14.72 -23.07 30.66
CA VAL B 264 13.54 -23.74 31.23
C VAL B 264 13.49 -23.52 32.72
N ILE B 265 12.28 -23.38 33.26
CA ILE B 265 12.09 -23.13 34.68
C ILE B 265 12.23 -24.36 35.56
N GLY B 266 12.21 -25.54 34.95
CA GLY B 266 12.34 -26.76 35.72
C GLY B 266 12.30 -27.97 34.82
N PRO B 267 12.35 -29.20 35.39
CA PRO B 267 12.31 -30.39 34.55
C PRO B 267 11.02 -30.44 33.74
N VAL B 268 11.18 -30.54 32.44
CA VAL B 268 10.05 -30.58 31.51
C VAL B 268 9.26 -31.88 31.54
N ILE B 269 7.95 -31.78 31.73
CA ILE B 269 7.11 -32.96 31.73
C ILE B 269 6.41 -33.05 30.37
N TRP B 270 6.29 -31.92 29.68
CA TRP B 270 5.66 -31.86 28.35
C TRP B 270 6.18 -30.67 27.55
N GLU B 271 6.37 -30.88 26.25
CA GLU B 271 6.85 -29.81 25.40
C GLU B 271 6.10 -29.79 24.08
N SER B 272 5.59 -28.62 23.71
CA SER B 272 4.85 -28.45 22.48
C SER B 272 5.80 -28.49 21.28
N GLU B 273 5.30 -28.92 20.13
CA GLU B 273 6.15 -29.06 18.95
C GLU B 273 5.87 -28.13 17.77
N GLY B 274 5.00 -27.15 17.94
CA GLY B 274 4.70 -26.26 16.82
C GLY B 274 5.50 -24.96 16.72
N LEU B 275 4.78 -23.90 16.36
CA LEU B 275 5.34 -22.57 16.20
C LEU B 275 5.75 -21.89 17.51
N PHE B 276 4.95 -22.08 18.55
CA PHE B 276 5.21 -21.47 19.85
C PHE B 276 6.12 -22.27 20.76
N ARG B 277 6.93 -21.58 21.55
CA ARG B 277 7.73 -22.29 22.54
C ARG B 277 6.77 -22.43 23.72
N ALA B 278 6.46 -23.66 24.09
CA ALA B 278 5.54 -23.88 25.19
C ALA B 278 5.80 -25.24 25.81
N TYR B 279 5.75 -25.29 27.14
CA TYR B 279 5.98 -26.55 27.83
C TYR B 279 5.39 -26.51 29.22
N ILE B 280 5.52 -27.64 29.90
CA ILE B 280 5.03 -27.77 31.27
C ILE B 280 6.20 -28.33 32.07
N SER B 281 6.48 -27.71 33.21
CA SER B 281 7.56 -28.16 34.10
C SER B 281 7.00 -28.21 35.50
N SER B 282 7.78 -28.73 36.44
CA SER B 282 7.36 -28.79 37.84
C SER B 282 8.10 -27.71 38.60
N VAL B 283 7.36 -26.91 39.35
CA VAL B 283 7.93 -25.83 40.17
C VAL B 283 7.73 -26.21 41.64
N THR B 284 8.79 -26.14 42.44
CA THR B 284 8.67 -26.50 43.84
C THR B 284 8.84 -25.31 44.77
N ASP B 285 8.03 -25.25 45.83
CA ASP B 285 8.11 -24.15 46.77
C ASP B 285 9.18 -24.38 47.83
N GLY B 286 9.24 -23.47 48.82
CA GLY B 286 10.23 -23.56 49.88
C GLY B 286 10.09 -24.77 50.79
N ASP B 287 8.93 -25.41 50.75
CA ASP B 287 8.67 -26.57 51.58
C ASP B 287 8.95 -27.84 50.78
N GLY B 288 9.27 -27.69 49.50
CA GLY B 288 9.53 -28.86 48.67
C GLY B 288 8.28 -29.38 47.98
N LYS B 289 7.18 -28.64 48.12
CA LYS B 289 5.90 -29.02 47.49
C LYS B 289 5.95 -28.70 46.00
N SER B 290 5.71 -29.69 45.15
CA SER B 290 5.77 -29.45 43.70
C SER B 290 4.43 -29.16 43.04
N HIS B 291 4.47 -28.27 42.06
CA HIS B 291 3.31 -27.84 41.30
C HIS B 291 3.63 -27.93 39.81
N LYS B 292 2.63 -28.28 39.00
CA LYS B 292 2.84 -28.34 37.56
C LYS B 292 2.53 -26.95 37.02
N VAL B 293 3.47 -26.38 36.28
CA VAL B 293 3.27 -25.05 35.75
C VAL B 293 3.55 -24.95 34.27
N GLY B 294 2.68 -24.26 33.55
CA GLY B 294 2.89 -24.08 32.13
C GLY B 294 3.74 -22.87 31.84
N PHE B 295 4.48 -22.93 30.74
CA PHE B 295 5.32 -21.83 30.28
C PHE B 295 5.01 -21.64 28.80
N LEU B 296 4.72 -20.40 28.43
CA LEU B 296 4.39 -20.07 27.05
C LEU B 296 5.02 -18.72 26.72
N ARG B 297 5.67 -18.62 25.57
CA ARG B 297 6.24 -17.34 25.17
C ARG B 297 5.44 -16.81 23.98
N ILE B 298 4.96 -15.56 24.07
CA ILE B 298 4.24 -14.94 22.95
C ILE B 298 5.33 -14.01 22.41
N PRO B 299 5.91 -14.33 21.25
CA PRO B 299 6.98 -13.53 20.66
C PRO B 299 6.62 -12.26 19.92
N THR B 300 5.47 -12.26 19.26
CA THR B 300 5.03 -11.09 18.50
C THR B 300 3.52 -11.16 18.30
N TYR B 301 2.91 -10.02 17.99
CA TYR B 301 1.48 -10.00 17.73
C TYR B 301 1.18 -9.85 16.24
N SER B 302 2.22 -9.86 15.42
CA SER B 302 1.98 -9.82 13.98
C SER B 302 2.23 -11.29 13.65
N TRP B 303 1.19 -12.09 13.84
CA TRP B 303 1.26 -13.53 13.64
C TRP B 303 1.96 -14.01 12.37
N GLN B 304 1.81 -13.26 11.29
CA GLN B 304 2.42 -13.66 10.02
C GLN B 304 3.95 -13.62 10.03
N ASP B 305 4.55 -12.87 10.94
CA ASP B 305 5.99 -12.78 11.03
C ASP B 305 6.60 -13.80 11.99
N MET B 306 5.78 -14.71 12.51
CA MET B 306 6.32 -15.71 13.42
C MET B 306 7.30 -16.65 12.70
N GLU B 307 8.40 -16.95 13.38
CA GLU B 307 9.44 -17.84 12.87
C GLU B 307 8.85 -19.13 12.31
N ASP B 308 9.18 -19.46 11.06
CA ASP B 308 8.70 -20.69 10.44
C ASP B 308 7.20 -20.74 10.17
N PHE B 309 6.55 -19.59 10.16
CA PHE B 309 5.12 -19.58 9.88
C PHE B 309 4.86 -20.03 8.45
N ASP B 310 3.93 -20.97 8.28
CA ASP B 310 3.58 -21.45 6.95
C ASP B 310 2.20 -20.92 6.58
N PRO B 311 2.15 -19.89 5.70
CA PRO B 311 0.89 -19.30 5.29
C PRO B 311 -0.10 -20.24 4.64
N SER B 312 0.37 -21.43 4.25
CA SER B 312 -0.51 -22.41 3.62
C SER B 312 -1.10 -23.36 4.64
N GLY B 313 -0.61 -23.28 5.88
CA GLY B 313 -1.12 -24.14 6.93
C GLY B 313 -2.09 -23.38 7.82
N PRO B 314 -2.55 -23.98 8.93
CA PRO B 314 -3.49 -23.33 9.85
C PRO B 314 -2.91 -22.09 10.54
N PRO B 315 -3.75 -21.08 10.81
CA PRO B 315 -3.30 -19.86 11.47
C PRO B 315 -2.79 -20.12 12.90
N PRO B 316 -1.76 -19.36 13.31
CA PRO B 316 -1.19 -19.52 14.66
C PRO B 316 -2.14 -19.50 15.85
N TRP B 317 -3.28 -18.83 15.72
CA TRP B 317 -4.21 -18.82 16.85
C TRP B 317 -4.82 -20.20 17.10
N GLU B 318 -4.84 -21.06 16.08
CA GLU B 318 -5.37 -22.41 16.28
C GLU B 318 -4.39 -23.24 17.11
N GLU B 319 -3.10 -23.05 16.87
CA GLU B 319 -2.11 -23.77 17.64
C GLU B 319 -2.13 -23.25 19.09
N PHE B 320 -2.25 -21.93 19.23
CA PHE B 320 -2.30 -21.28 20.53
C PHE B 320 -3.46 -21.90 21.31
N ALA B 321 -4.61 -22.02 20.66
CA ALA B 321 -5.79 -22.61 21.28
C ALA B 321 -5.48 -24.04 21.74
N LYS B 322 -4.77 -24.80 20.92
CA LYS B 322 -4.42 -26.18 21.28
C LYS B 322 -3.57 -26.22 22.56
N ILE B 323 -2.59 -25.33 22.63
CA ILE B 323 -1.70 -25.28 23.79
C ILE B 323 -2.46 -24.91 25.06
N ILE B 324 -3.33 -23.91 24.98
CA ILE B 324 -4.09 -23.51 26.15
C ILE B 324 -4.99 -24.65 26.64
N GLN B 325 -5.60 -25.39 25.73
CA GLN B 325 -6.44 -26.51 26.15
C GLN B 325 -5.58 -27.50 26.93
N VAL B 326 -4.36 -27.76 26.47
CA VAL B 326 -3.47 -28.66 27.18
C VAL B 326 -3.16 -28.09 28.57
N PHE B 327 -2.90 -26.79 28.64
CA PHE B 327 -2.58 -26.15 29.92
C PHE B 327 -3.75 -26.20 30.89
N SER B 328 -4.96 -25.99 30.38
CA SER B 328 -6.15 -26.01 31.24
C SER B 328 -6.37 -27.33 31.97
N SER B 329 -5.91 -28.42 31.39
CA SER B 329 -6.11 -29.72 32.01
C SER B 329 -4.87 -30.37 32.60
N ASN B 330 -3.71 -29.73 32.48
CA ASN B 330 -2.50 -30.35 32.98
C ASN B 330 -1.59 -29.37 33.71
N THR B 331 -2.19 -28.32 34.25
CA THR B 331 -1.39 -27.31 34.89
C THR B 331 -2.14 -26.61 36.03
N GLU B 332 -1.41 -25.98 36.95
CA GLU B 332 -2.02 -25.25 38.08
C GLU B 332 -1.89 -23.73 37.90
N ALA B 333 -0.94 -23.31 37.09
CA ALA B 333 -0.72 -21.89 36.83
C ALA B 333 0.02 -21.80 35.51
N LEU B 334 0.10 -20.60 34.95
CA LEU B 334 0.74 -20.41 33.66
C LEU B 334 1.65 -19.19 33.64
N ILE B 335 2.88 -19.37 33.16
CA ILE B 335 3.81 -18.27 33.02
C ILE B 335 3.86 -17.92 31.55
N ILE B 336 3.62 -16.64 31.22
CA ILE B 336 3.66 -16.18 29.85
C ILE B 336 4.83 -15.22 29.69
N ASP B 337 5.82 -15.63 28.89
CA ASP B 337 6.97 -14.76 28.65
C ASP B 337 6.62 -13.89 27.46
N GLN B 338 6.45 -12.60 27.69
CA GLN B 338 6.10 -11.70 26.61
C GLN B 338 7.16 -10.63 26.38
N THR B 339 8.37 -10.85 26.91
CA THR B 339 9.47 -9.89 26.75
C THR B 339 9.94 -9.78 25.30
N ASN B 340 10.62 -8.69 24.97
CA ASN B 340 11.16 -8.51 23.63
C ASN B 340 10.15 -8.85 22.54
N ASN B 341 9.03 -8.15 22.56
CA ASN B 341 7.93 -8.37 21.65
C ASN B 341 7.60 -7.01 21.04
N PRO B 342 7.65 -6.90 19.69
CA PRO B 342 7.38 -5.66 18.94
C PRO B 342 5.92 -5.22 18.78
N GLY B 343 4.98 -6.01 19.26
CA GLY B 343 3.57 -5.64 19.10
C GLY B 343 3.05 -6.26 17.82
N GLY B 344 2.05 -5.64 17.19
CA GLY B 344 1.51 -6.19 15.97
C GLY B 344 0.06 -5.90 15.69
N SER B 345 -0.72 -6.96 15.48
CA SER B 345 -2.14 -6.86 15.17
C SER B 345 -3.04 -6.86 16.40
N VAL B 346 -3.85 -5.82 16.53
CA VAL B 346 -4.77 -5.67 17.65
C VAL B 346 -5.82 -6.80 17.72
N LEU B 347 -6.36 -7.19 16.57
CA LEU B 347 -7.37 -8.24 16.55
C LEU B 347 -6.78 -9.59 17.01
N TYR B 348 -5.53 -9.84 16.62
CA TYR B 348 -4.86 -11.08 17.00
C TYR B 348 -4.57 -11.04 18.50
N LEU B 349 -4.14 -9.88 18.99
CA LEU B 349 -3.87 -9.67 20.40
C LEU B 349 -5.17 -9.98 21.16
N TYR B 350 -6.29 -9.50 20.63
CA TYR B 350 -7.59 -9.74 21.25
C TYR B 350 -7.98 -11.21 21.26
N ALA B 351 -7.62 -11.93 20.21
CA ALA B 351 -7.93 -13.35 20.14
C ALA B 351 -7.19 -14.11 21.24
N LEU B 352 -5.91 -13.81 21.42
CA LEU B 352 -5.12 -14.46 22.45
C LEU B 352 -5.67 -14.17 23.84
N LEU B 353 -6.03 -12.91 24.09
CA LEU B 353 -6.59 -12.55 25.39
C LEU B 353 -7.90 -13.31 25.64
N SER B 354 -8.71 -13.47 24.58
CA SER B 354 -10.00 -14.17 24.72
C SER B 354 -9.84 -15.61 25.20
N MET B 355 -8.66 -16.19 25.01
CA MET B 355 -8.46 -17.56 25.46
C MET B 355 -7.78 -17.66 26.82
N LEU B 356 -7.50 -16.51 27.43
CA LEU B 356 -6.85 -16.50 28.73
C LEU B 356 -7.74 -16.02 29.85
N THR B 357 -9.06 -16.08 29.63
CA THR B 357 -10.00 -15.64 30.65
C THR B 357 -11.35 -16.32 30.50
N ASP B 358 -12.10 -16.36 31.60
CA ASP B 358 -13.44 -16.96 31.60
C ASP B 358 -14.46 -15.87 31.90
N ARG B 359 -13.97 -14.63 32.01
CA ARG B 359 -14.80 -13.46 32.27
C ARG B 359 -14.38 -12.33 31.33
N PRO B 360 -15.31 -11.43 30.99
CA PRO B 360 -14.93 -10.35 30.07
C PRO B 360 -13.84 -9.44 30.66
N LEU B 361 -13.03 -8.88 29.78
CA LEU B 361 -11.94 -7.99 30.19
C LEU B 361 -12.12 -6.60 29.58
N GLU B 362 -12.22 -5.58 30.43
CA GLU B 362 -12.39 -4.21 29.96
C GLU B 362 -11.17 -3.81 29.14
N LEU B 363 -11.38 -3.10 28.03
CA LEU B 363 -10.29 -2.68 27.19
C LEU B 363 -10.07 -1.19 27.23
N PRO B 364 -8.81 -0.74 27.14
CA PRO B 364 -8.55 0.69 27.15
C PRO B 364 -9.04 1.24 25.81
N LYS B 365 -9.51 2.49 25.80
CA LYS B 365 -10.02 3.11 24.59
C LYS B 365 -8.97 3.99 23.95
N HIS B 366 -9.23 4.45 22.73
CA HIS B 366 -8.27 5.29 22.02
C HIS B 366 -8.78 6.67 21.60
N ARG B 367 -7.96 7.70 21.81
CA ARG B 367 -8.30 9.07 21.40
C ARG B 367 -7.70 9.13 19.98
N MET B 368 -8.54 9.39 18.98
CA MET B 368 -8.06 9.39 17.60
C MET B 368 -8.05 10.73 16.86
N ILE B 369 -7.12 10.87 15.91
CA ILE B 369 -7.08 12.08 15.07
C ILE B 369 -7.84 11.65 13.81
N LEU B 370 -8.78 12.48 13.37
CA LEU B 370 -9.60 12.10 12.23
C LEU B 370 -9.49 12.93 10.97
N THR B 371 -9.61 12.25 9.83
CA THR B 371 -9.61 12.85 8.49
C THR B 371 -10.75 12.12 7.78
N GLN B 372 -11.16 12.59 6.60
CA GLN B 372 -12.26 11.91 5.93
C GLN B 372 -11.91 10.44 5.57
N ASP B 373 -10.64 10.04 5.68
CA ASP B 373 -10.27 8.66 5.40
C ASP B 373 -10.93 7.81 6.49
N GLU B 374 -10.81 8.26 7.75
CA GLU B 374 -11.42 7.51 8.84
C GLU B 374 -12.93 7.53 8.77
N VAL B 375 -13.47 8.62 8.22
CA VAL B 375 -14.91 8.75 8.11
C VAL B 375 -15.44 7.71 7.14
N VAL B 376 -14.74 7.49 6.03
CA VAL B 376 -15.18 6.49 5.07
C VAL B 376 -15.16 5.10 5.69
N ASP B 377 -14.16 4.81 6.51
CA ASP B 377 -14.05 3.52 7.17
C ASP B 377 -15.31 3.30 8.00
N ALA B 378 -15.69 4.33 8.75
CA ALA B 378 -16.87 4.25 9.62
C ALA B 378 -18.13 3.94 8.80
N LEU B 379 -18.30 4.67 7.70
CA LEU B 379 -19.43 4.47 6.83
C LEU B 379 -19.44 3.04 6.29
N ASP B 380 -18.28 2.57 5.85
CA ASP B 380 -18.21 1.21 5.30
C ASP B 380 -18.58 0.14 6.33
N TRP B 381 -18.10 0.28 7.56
CA TRP B 381 -18.47 -0.70 8.59
C TRP B 381 -20.00 -0.74 8.69
N LEU B 382 -20.62 0.44 8.68
CA LEU B 382 -22.06 0.52 8.80
C LEU B 382 -22.81 -0.08 7.61
N THR B 383 -22.36 0.18 6.38
CA THR B 383 -23.06 -0.39 5.24
C THR B 383 -22.83 -1.90 5.24
N LEU B 384 -21.62 -2.32 5.61
CA LEU B 384 -21.27 -3.73 5.66
C LEU B 384 -22.18 -4.53 6.61
N LEU B 385 -22.48 -3.96 7.76
CA LEU B 385 -23.28 -4.65 8.76
C LEU B 385 -24.71 -4.15 8.83
N GLU B 386 -25.09 -3.35 7.84
CA GLU B 386 -26.43 -2.78 7.79
C GLU B 386 -27.55 -3.75 8.20
N ASN B 387 -27.59 -4.92 7.56
CA ASN B 387 -28.64 -5.89 7.87
C ASN B 387 -28.24 -7.12 8.67
N VAL B 388 -27.32 -6.96 9.60
CA VAL B 388 -26.89 -8.07 10.44
C VAL B 388 -27.62 -7.97 11.77
N ASP B 389 -28.48 -8.95 12.05
CA ASP B 389 -29.25 -8.99 13.29
C ASP B 389 -29.03 -10.29 14.06
N THR B 390 -28.25 -11.20 13.50
CA THR B 390 -28.01 -12.49 14.16
C THR B 390 -26.54 -12.93 14.11
N ASN B 391 -26.21 -13.96 14.89
CA ASN B 391 -24.87 -14.47 14.92
C ASN B 391 -24.46 -15.01 13.55
N VAL B 392 -25.30 -15.85 12.95
CA VAL B 392 -24.97 -16.42 11.65
C VAL B 392 -24.73 -15.31 10.65
N GLU B 393 -25.53 -14.26 10.74
CA GLU B 393 -25.40 -13.11 9.85
C GLU B 393 -24.03 -12.44 10.05
N SER B 394 -23.63 -12.30 11.31
CA SER B 394 -22.34 -11.70 11.64
C SER B 394 -21.20 -12.53 11.05
N ARG B 395 -21.26 -13.84 11.25
CA ARG B 395 -20.22 -14.71 10.72
C ARG B 395 -20.13 -14.66 9.21
N LEU B 396 -21.28 -14.48 8.55
CA LEU B 396 -21.28 -14.40 7.09
C LEU B 396 -20.62 -13.10 6.61
N ALA B 397 -20.94 -12.00 7.29
CA ALA B 397 -20.39 -10.71 6.91
C ALA B 397 -18.92 -10.50 7.30
N LEU B 398 -18.54 -11.02 8.46
CA LEU B 398 -17.19 -10.83 8.97
C LEU B 398 -16.26 -12.04 8.94
N GLY B 399 -16.84 -13.24 8.85
CA GLY B 399 -16.05 -14.46 8.86
C GLY B 399 -16.27 -15.07 10.22
N ASP B 400 -15.90 -16.34 10.41
CA ASP B 400 -16.10 -16.98 11.70
C ASP B 400 -15.26 -16.33 12.80
N ASN B 401 -14.15 -15.71 12.42
CA ASN B 401 -13.31 -15.02 13.39
C ASN B 401 -12.47 -13.98 12.69
N MET B 402 -12.06 -12.97 13.44
CA MET B 402 -11.23 -11.91 12.90
C MET B 402 -9.84 -12.06 13.51
N GLU B 403 -8.96 -12.67 12.72
CA GLU B 403 -7.59 -12.94 13.14
C GLU B 403 -7.55 -13.70 14.46
N GLY B 404 -8.49 -14.64 14.59
CA GLY B 404 -8.57 -15.46 15.78
C GLY B 404 -9.72 -15.08 16.69
N TYR B 405 -10.11 -13.81 16.70
CA TYR B 405 -11.18 -13.38 17.59
C TYR B 405 -12.54 -13.85 17.09
N THR B 406 -13.25 -14.58 17.94
CA THR B 406 -14.55 -15.13 17.59
C THR B 406 -15.59 -14.08 17.20
N VAL B 407 -16.21 -14.26 16.03
CA VAL B 407 -17.22 -13.31 15.57
C VAL B 407 -18.60 -13.62 16.15
N ASP B 408 -19.24 -12.57 16.63
CA ASP B 408 -20.54 -12.61 17.28
C ASP B 408 -21.44 -11.48 16.80
N LEU B 409 -22.68 -11.47 17.26
CA LEU B 409 -23.60 -10.38 16.93
C LEU B 409 -23.03 -9.23 17.76
N GLN B 410 -22.52 -9.57 18.94
CA GLN B 410 -21.91 -8.60 19.85
C GLN B 410 -20.79 -7.87 19.12
N VAL B 411 -20.02 -8.63 18.36
CA VAL B 411 -18.92 -8.08 17.60
C VAL B 411 -19.46 -7.15 16.52
N ALA B 412 -20.49 -7.61 15.81
CA ALA B 412 -21.09 -6.80 14.75
C ALA B 412 -21.62 -5.50 15.37
N GLU B 413 -22.27 -5.60 16.52
CA GLU B 413 -22.80 -4.42 17.19
C GLU B 413 -21.69 -3.47 17.64
N TYR B 414 -20.54 -4.03 18.04
CA TYR B 414 -19.41 -3.20 18.44
C TYR B 414 -18.93 -2.41 17.24
N LEU B 415 -18.77 -3.09 16.11
CA LEU B 415 -18.30 -2.47 14.88
C LEU B 415 -19.23 -1.35 14.41
N LYS B 416 -20.53 -1.55 14.55
CA LYS B 416 -21.49 -0.52 14.16
C LYS B 416 -21.40 0.66 15.12
N SER B 417 -21.21 0.37 16.40
CA SER B 417 -21.09 1.41 17.40
C SER B 417 -19.83 2.24 17.08
N PHE B 418 -18.78 1.56 16.64
CA PHE B 418 -17.54 2.25 16.29
C PHE B 418 -17.80 3.26 15.18
N GLY B 419 -18.48 2.82 14.13
CA GLY B 419 -18.78 3.70 13.02
C GLY B 419 -19.54 4.93 13.46
N ARG B 420 -20.60 4.74 14.26
CA ARG B 420 -21.40 5.85 14.74
C ARG B 420 -20.60 6.84 15.57
N GLN B 421 -19.73 6.35 16.45
CA GLN B 421 -18.96 7.25 17.30
C GLN B 421 -17.97 8.07 16.49
N VAL B 422 -17.37 7.47 15.47
CA VAL B 422 -16.44 8.20 14.62
C VAL B 422 -17.21 9.26 13.85
N LEU B 423 -18.33 8.88 13.25
CA LEU B 423 -19.15 9.83 12.50
C LEU B 423 -19.64 10.96 13.40
N ASN B 424 -19.96 10.61 14.64
CA ASN B 424 -20.45 11.60 15.60
C ASN B 424 -19.33 12.60 15.95
N CYS B 425 -18.11 12.09 16.16
CA CYS B 425 -16.99 12.95 16.47
C CYS B 425 -16.71 13.89 15.30
N TRP B 426 -16.74 13.33 14.09
CA TRP B 426 -16.49 14.13 12.91
C TRP B 426 -17.49 15.28 12.77
N SER B 427 -18.78 14.99 12.92
CA SER B 427 -19.78 16.03 12.78
C SER B 427 -19.72 17.08 13.88
N LYS B 428 -19.09 16.74 15.01
CA LYS B 428 -18.99 17.68 16.12
C LYS B 428 -17.68 18.45 16.09
N GLY B 429 -16.80 18.11 15.15
CA GLY B 429 -15.52 18.80 15.07
C GLY B 429 -14.48 18.28 16.05
N ASP B 430 -14.82 17.21 16.76
CA ASP B 430 -13.94 16.57 17.73
C ASP B 430 -12.99 15.67 16.94
N ILE B 431 -12.14 16.29 16.12
CA ILE B 431 -11.23 15.55 15.26
C ILE B 431 -9.73 15.63 15.49
N GLU B 432 -9.29 16.54 16.36
CA GLU B 432 -7.85 16.67 16.64
C GLU B 432 -7.39 15.56 17.60
N LEU B 433 -8.19 15.28 18.61
CA LEU B 433 -7.89 14.23 19.59
C LEU B 433 -9.24 13.89 20.18
N SER B 434 -9.95 13.01 19.46
CA SER B 434 -11.29 12.61 19.83
C SER B 434 -11.47 12.06 21.23
N THR B 435 -12.73 12.04 21.66
CA THR B 435 -13.10 11.50 22.94
C THR B 435 -12.71 10.03 22.80
N PRO B 436 -12.42 9.33 23.92
CA PRO B 436 -12.03 7.93 23.76
C PRO B 436 -13.05 7.00 23.11
N ILE B 437 -12.57 6.26 22.11
CA ILE B 437 -13.37 5.32 21.36
C ILE B 437 -12.59 4.01 21.27
N PRO B 438 -13.20 2.88 21.62
CA PRO B 438 -12.46 1.63 21.55
C PRO B 438 -12.19 1.20 20.11
N LEU B 439 -11.01 0.63 19.87
CA LEU B 439 -10.67 0.18 18.53
C LEU B 439 -11.70 -0.85 18.13
N PHE B 440 -12.12 -0.80 16.86
CA PHE B 440 -13.13 -1.72 16.32
C PHE B 440 -14.41 -1.68 17.16
N GLY B 441 -14.48 -0.73 18.08
CA GLY B 441 -15.65 -0.62 18.92
C GLY B 441 -15.71 -1.63 20.07
N PHE B 442 -14.74 -2.53 20.17
CA PHE B 442 -14.72 -3.54 21.23
C PHE B 442 -14.51 -2.91 22.61
N GLU B 443 -15.58 -2.84 23.39
CA GLU B 443 -15.49 -2.28 24.73
C GLU B 443 -14.76 -3.24 25.64
N LYS B 444 -14.92 -4.52 25.36
CA LYS B 444 -14.26 -5.51 26.19
C LYS B 444 -14.02 -6.79 25.44
N ILE B 445 -13.08 -7.56 25.96
CA ILE B 445 -12.76 -8.84 25.38
C ILE B 445 -13.73 -9.83 26.00
N HIS B 446 -14.35 -10.62 25.15
CA HIS B 446 -15.28 -11.63 25.62
C HIS B 446 -14.57 -12.95 25.52
N PRO B 447 -14.75 -13.82 26.53
CA PRO B 447 -14.08 -15.12 26.53
C PRO B 447 -14.36 -16.00 25.32
N HIS B 448 -13.30 -16.62 24.81
CA HIS B 448 -13.40 -17.51 23.66
C HIS B 448 -14.47 -18.53 24.04
N PRO B 449 -15.29 -18.96 23.08
CA PRO B 449 -16.34 -19.93 23.42
C PRO B 449 -15.85 -21.32 23.81
N ARG B 450 -14.74 -21.78 23.25
CA ARG B 450 -14.21 -23.11 23.54
C ARG B 450 -13.03 -23.20 24.51
N VAL B 451 -12.02 -22.35 24.34
CA VAL B 451 -10.87 -22.43 25.22
C VAL B 451 -10.70 -21.18 26.06
N GLN B 452 -10.70 -21.39 27.37
CA GLN B 452 -10.58 -20.32 28.36
C GLN B 452 -9.66 -20.73 29.51
N TYR B 453 -8.44 -20.22 29.56
CA TYR B 453 -7.59 -20.58 30.70
C TYR B 453 -8.10 -19.74 31.87
N SER B 454 -8.45 -20.39 32.98
CA SER B 454 -8.98 -19.67 34.14
C SER B 454 -8.15 -19.80 35.39
N LYS B 455 -6.94 -20.34 35.28
CA LYS B 455 -6.09 -20.48 36.46
C LYS B 455 -5.16 -19.28 36.56
N PRO B 456 -4.38 -19.18 37.64
CA PRO B 456 -3.49 -18.03 37.74
C PRO B 456 -2.46 -17.89 36.62
N ILE B 457 -2.17 -16.64 36.29
CA ILE B 457 -1.24 -16.32 35.22
C ILE B 457 -0.23 -15.28 35.66
N CYS B 458 1.03 -15.51 35.27
CA CYS B 458 2.10 -14.59 35.56
C CYS B 458 2.70 -14.20 34.23
N VAL B 459 2.62 -12.91 33.89
CA VAL B 459 3.17 -12.42 32.62
C VAL B 459 4.51 -11.72 32.84
N LEU B 460 5.50 -12.10 32.03
CA LEU B 460 6.82 -11.50 32.13
C LEU B 460 6.93 -10.44 31.04
N ILE B 461 7.37 -9.24 31.44
CA ILE B 461 7.49 -8.11 30.52
C ILE B 461 8.81 -7.36 30.72
N ASN B 462 9.20 -6.58 29.72
CA ASN B 462 10.41 -5.77 29.87
C ASN B 462 10.30 -4.50 29.04
N GLU B 463 11.36 -3.72 29.04
CA GLU B 463 11.40 -2.43 28.34
C GLU B 463 11.40 -2.53 26.83
N GLN B 464 11.46 -3.75 26.31
CA GLN B 464 11.42 -3.95 24.88
C GLN B 464 10.09 -4.57 24.42
N ASP B 465 9.01 -4.15 25.08
CA ASP B 465 7.64 -4.55 24.74
C ASP B 465 6.96 -3.30 24.19
N PHE B 466 6.45 -3.39 22.97
CA PHE B 466 5.81 -2.23 22.32
C PHE B 466 4.38 -2.51 21.83
N SER B 467 3.60 -1.44 21.69
CA SER B 467 2.20 -1.47 21.23
C SER B 467 1.36 -2.62 21.79
N CYS B 468 1.02 -3.62 20.98
CA CYS B 468 0.23 -4.72 21.52
C CYS B 468 0.92 -5.37 22.72
N ALA B 469 2.26 -5.33 22.75
CA ALA B 469 3.02 -5.90 23.88
C ALA B 469 2.95 -4.95 25.09
N ASP B 470 2.47 -3.73 24.84
CA ASP B 470 2.23 -2.77 25.91
C ASP B 470 0.83 -3.15 26.40
N PHE B 471 -0.09 -3.29 25.43
CA PHE B 471 -1.50 -3.60 25.71
C PHE B 471 -1.82 -4.92 26.40
N PHE B 472 -1.13 -5.99 26.01
CA PHE B 472 -1.37 -7.31 26.59
C PHE B 472 -1.31 -7.25 28.13
N PRO B 473 -0.19 -6.81 28.70
CA PRO B 473 -0.15 -6.75 30.17
C PRO B 473 -1.08 -5.72 30.80
N VAL B 474 -1.31 -4.61 30.12
CA VAL B 474 -2.16 -3.58 30.69
C VAL B 474 -3.61 -4.07 30.85
N VAL B 475 -4.09 -4.84 29.88
CA VAL B 475 -5.44 -5.39 29.95
C VAL B 475 -5.54 -6.39 31.09
N LEU B 476 -4.56 -7.28 31.19
CA LEU B 476 -4.53 -8.28 32.24
C LEU B 476 -4.31 -7.67 33.63
N LYS B 477 -3.54 -6.58 33.68
CA LYS B 477 -3.28 -5.91 34.96
C LYS B 477 -4.49 -5.12 35.42
N ASP B 478 -5.01 -4.26 34.55
CA ASP B 478 -6.16 -3.42 34.92
C ASP B 478 -7.47 -4.18 35.17
N ASN B 479 -7.52 -5.45 34.76
CA ASN B 479 -8.72 -6.28 34.98
C ASN B 479 -8.40 -7.29 36.07
N ASP B 480 -7.22 -7.16 36.68
CA ASP B 480 -6.78 -8.04 37.76
C ASP B 480 -6.84 -9.51 37.36
N ARG B 481 -6.45 -9.84 36.13
CA ARG B 481 -6.48 -11.23 35.64
C ARG B 481 -5.15 -11.94 35.85
N ALA B 482 -4.07 -11.18 35.81
CA ALA B 482 -2.74 -11.77 35.95
C ALA B 482 -1.77 -10.94 36.74
N LEU B 483 -0.73 -11.61 37.23
CA LEU B 483 0.33 -10.97 37.98
C LEU B 483 1.35 -10.54 36.91
N ILE B 484 1.70 -9.26 36.85
CA ILE B 484 2.65 -8.79 35.85
C ILE B 484 4.01 -8.60 36.52
N VAL B 485 5.03 -9.23 35.96
CA VAL B 485 6.37 -9.20 36.54
C VAL B 485 7.46 -8.82 35.54
N GLY B 486 8.48 -8.10 36.02
CA GLY B 486 9.59 -7.71 35.16
C GLY B 486 9.88 -6.22 35.24
N THR B 487 10.06 -5.59 34.09
CA THR B 487 10.28 -4.16 34.06
C THR B 487 9.28 -3.49 33.13
N ARG B 488 8.98 -2.22 33.44
CA ARG B 488 8.04 -1.39 32.70
C ARG B 488 8.20 -1.49 31.18
N THR B 489 7.07 -1.58 30.47
CA THR B 489 7.09 -1.68 29.02
C THR B 489 7.47 -0.34 28.38
N ALA B 490 7.83 -0.36 27.10
CA ALA B 490 8.27 0.82 26.36
C ALA B 490 7.30 1.99 26.28
N GLY B 491 6.06 1.72 25.94
CA GLY B 491 5.09 2.80 25.84
C GLY B 491 4.86 3.33 24.43
N ALA B 492 4.50 2.44 23.51
CA ALA B 492 4.16 2.87 22.15
C ALA B 492 2.63 2.77 22.25
N GLY B 493 2.05 3.79 22.88
CA GLY B 493 0.62 3.80 23.13
C GLY B 493 -0.37 4.34 22.13
N GLY B 494 -0.30 3.85 20.89
CA GLY B 494 -1.21 4.27 19.85
C GLY B 494 -0.99 3.37 18.64
N PHE B 495 -1.93 3.35 17.70
CA PHE B 495 -1.74 2.49 16.54
C PHE B 495 -0.88 3.19 15.51
N VAL B 496 -0.08 2.41 14.78
CA VAL B 496 0.79 2.97 13.74
C VAL B 496 0.17 2.95 12.38
N PHE B 497 0.71 3.78 11.49
CA PHE B 497 0.27 3.84 10.11
C PHE B 497 1.46 4.37 9.34
N ASN B 498 1.64 3.90 8.11
CA ASN B 498 2.78 4.31 7.30
C ASN B 498 2.40 5.22 6.15
N VAL B 499 3.31 6.12 5.81
CA VAL B 499 3.10 7.05 4.72
C VAL B 499 4.25 6.92 3.74
N GLN B 500 3.92 6.89 2.45
CA GLN B 500 4.91 6.81 1.39
C GLN B 500 4.57 7.91 0.40
N PHE B 501 5.56 8.41 -0.31
CA PHE B 501 5.31 9.45 -1.29
C PHE B 501 6.59 9.66 -2.08
N PRO B 502 6.49 9.90 -3.39
CA PRO B 502 7.70 10.11 -4.20
C PRO B 502 8.44 11.37 -3.79
N ASN B 503 9.77 11.29 -3.76
CA ASN B 503 10.57 12.43 -3.34
C ASN B 503 12.01 12.21 -3.76
N ARG B 504 12.80 13.28 -3.75
CA ARG B 504 14.20 13.23 -4.16
C ARG B 504 15.12 13.17 -2.93
N THR B 505 14.55 13.01 -1.74
CA THR B 505 15.34 12.94 -0.53
C THR B 505 15.60 11.49 -0.13
N GLY B 506 15.07 10.56 -0.92
CA GLY B 506 15.28 9.15 -0.61
C GLY B 506 14.46 8.60 0.54
N ILE B 507 13.37 9.28 0.89
CA ILE B 507 12.52 8.83 1.97
C ILE B 507 11.68 7.64 1.50
N LYS B 508 11.71 6.54 2.24
CA LYS B 508 10.97 5.35 1.86
C LYS B 508 9.62 5.30 2.56
N THR B 509 9.64 5.51 3.86
CA THR B 509 8.43 5.49 4.66
C THR B 509 8.61 6.33 5.91
N CYS B 510 7.52 6.90 6.38
CA CYS B 510 7.54 7.63 7.61
C CYS B 510 6.36 7.05 8.36
N SER B 511 6.64 6.35 9.46
CA SER B 511 5.57 5.76 10.24
C SER B 511 5.19 6.79 11.29
N LEU B 512 3.89 6.93 11.56
CA LEU B 512 3.38 7.88 12.53
C LEU B 512 2.34 7.20 13.40
N THR B 513 1.88 7.91 14.42
CA THR B 513 0.89 7.38 15.38
C THR B 513 -0.44 8.10 15.23
N GLY B 514 -1.50 7.32 14.98
CA GLY B 514 -2.82 7.88 14.79
C GLY B 514 -3.78 7.90 15.95
N SER B 515 -3.31 7.54 17.14
CA SER B 515 -4.18 7.55 18.31
C SER B 515 -3.40 7.54 19.62
N LEU B 516 -4.10 7.83 20.71
CA LEU B 516 -3.51 7.80 22.04
C LEU B 516 -4.39 6.90 22.89
N ALA B 517 -3.85 5.77 23.32
CA ALA B 517 -4.60 4.86 24.17
C ALA B 517 -4.70 5.43 25.57
N VAL B 518 -5.84 5.18 26.22
CA VAL B 518 -6.08 5.63 27.57
C VAL B 518 -6.55 4.43 28.40
N ARG B 519 -5.89 4.18 29.53
CA ARG B 519 -6.26 3.06 30.39
C ARG B 519 -7.56 3.40 31.14
N GLU B 520 -8.26 2.39 31.64
CA GLU B 520 -9.53 2.59 32.35
C GLU B 520 -9.52 3.78 33.30
N HIS B 521 -8.44 3.93 34.07
CA HIS B 521 -8.35 5.02 35.04
C HIS B 521 -7.82 6.35 34.52
N GLY B 522 -7.61 6.47 33.21
CA GLY B 522 -7.15 7.74 32.67
C GLY B 522 -5.71 7.95 32.25
N ALA B 523 -4.79 7.10 32.69
CA ALA B 523 -3.39 7.27 32.31
C ALA B 523 -3.17 6.86 30.86
N PHE B 524 -2.27 7.56 30.17
CA PHE B 524 -1.93 7.23 28.80
C PHE B 524 -0.84 6.15 28.82
N ILE B 525 -0.55 5.58 27.66
CA ILE B 525 0.47 4.53 27.56
C ILE B 525 1.73 5.08 26.91
N GLU B 526 1.57 6.01 25.97
CA GLU B 526 2.70 6.63 25.25
C GLU B 526 3.82 7.03 26.20
N ASN B 527 5.04 6.57 25.91
CA ASN B 527 6.22 6.88 26.72
C ASN B 527 6.27 6.27 28.12
N ILE B 528 5.19 6.47 28.89
CA ILE B 528 5.08 5.98 30.26
C ILE B 528 5.02 4.46 30.38
N GLY B 529 4.49 3.80 29.36
CA GLY B 529 4.39 2.36 29.38
C GLY B 529 3.50 1.80 30.48
N VAL B 530 3.65 0.51 30.71
CA VAL B 530 2.86 -0.20 31.70
C VAL B 530 3.79 -0.76 32.76
N GLU B 531 3.49 -0.42 34.00
CA GLU B 531 4.27 -0.87 35.14
C GLU B 531 3.83 -2.28 35.55
N PRO B 532 4.78 -3.07 36.07
CA PRO B 532 4.48 -4.44 36.51
C PRO B 532 4.02 -4.35 37.96
N HIS B 533 3.45 -5.44 38.49
CA HIS B 533 3.05 -5.47 39.89
C HIS B 533 4.36 -5.59 40.66
N ILE B 534 5.26 -6.44 40.15
CA ILE B 534 6.55 -6.67 40.79
C ILE B 534 7.70 -6.27 39.87
N ASP B 535 8.48 -5.27 40.29
CA ASP B 535 9.61 -4.84 39.50
C ASP B 535 10.73 -5.85 39.70
N LEU B 536 11.11 -6.54 38.65
CA LEU B 536 12.14 -7.57 38.72
C LEU B 536 13.11 -7.44 37.56
N PRO B 537 14.11 -6.57 37.70
CA PRO B 537 15.10 -6.39 36.62
C PRO B 537 16.08 -7.55 36.60
N PHE B 538 16.83 -7.67 35.52
CA PHE B 538 17.84 -8.73 35.41
C PHE B 538 19.12 -8.21 36.10
N THR B 539 19.71 -9.02 36.99
CA THR B 539 20.92 -8.61 37.70
C THR B 539 22.14 -9.02 36.89
N ALA B 540 23.32 -8.59 37.34
CA ALA B 540 24.55 -8.95 36.64
C ALA B 540 24.70 -10.48 36.73
N ASN B 541 24.33 -11.06 37.87
CA ASN B 541 24.44 -12.51 38.02
C ASN B 541 23.50 -13.24 37.04
N ASP B 542 22.35 -12.63 36.76
CA ASP B 542 21.41 -13.23 35.82
C ASP B 542 22.05 -13.24 34.45
N ILE B 543 22.61 -12.10 34.09
CA ILE B 543 23.22 -11.87 32.80
C ILE B 543 24.61 -12.43 32.57
N ARG B 544 25.50 -12.27 33.54
CA ARG B 544 26.88 -12.73 33.36
C ARG B 544 27.04 -14.02 32.55
N TYR B 545 26.36 -15.09 32.94
CA TYR B 545 26.51 -16.33 32.19
C TYR B 545 25.19 -16.85 31.59
N LYS B 546 24.26 -15.92 31.35
CA LYS B 546 22.98 -16.24 30.75
C LYS B 546 22.12 -17.27 31.45
N GLY B 547 22.27 -17.39 32.78
CA GLY B 547 21.48 -18.36 33.52
C GLY B 547 20.18 -17.81 34.08
N TYR B 548 20.15 -16.51 34.38
CA TYR B 548 18.96 -15.87 34.93
C TYR B 548 18.37 -16.67 36.08
N SER B 549 19.23 -17.31 36.87
CA SER B 549 18.74 -18.12 37.96
C SER B 549 18.11 -17.29 39.06
N GLU B 550 18.62 -16.09 39.30
CA GLU B 550 18.03 -15.24 40.33
C GLU B 550 16.65 -14.78 39.87
N TYR B 551 16.57 -14.31 38.64
CA TYR B 551 15.31 -13.86 38.08
C TYR B 551 14.30 -15.03 38.12
N LEU B 552 14.69 -16.16 37.54
CA LEU B 552 13.81 -17.32 37.52
C LEU B 552 13.40 -17.85 38.89
N ASP B 553 14.31 -17.89 39.84
CA ASP B 553 13.96 -18.37 41.17
C ASP B 553 12.90 -17.47 41.79
N LYS B 554 12.99 -16.18 41.50
CA LYS B 554 12.00 -15.27 42.05
C LYS B 554 10.67 -15.42 41.33
N VAL B 555 10.72 -15.64 40.02
CA VAL B 555 9.47 -15.82 39.27
C VAL B 555 8.74 -17.05 39.84
N LYS B 556 9.51 -18.10 40.15
CA LYS B 556 8.94 -19.33 40.69
C LYS B 556 8.34 -19.13 42.07
N LYS B 557 8.98 -18.31 42.91
CA LYS B 557 8.46 -18.05 44.24
C LYS B 557 7.13 -17.32 44.09
N LEU B 558 7.11 -16.36 43.18
CA LEU B 558 5.90 -15.58 42.92
C LEU B 558 4.77 -16.48 42.38
N VAL B 559 5.08 -17.39 41.46
CA VAL B 559 4.07 -18.29 40.92
C VAL B 559 3.52 -19.20 42.03
N CYS B 560 4.39 -19.70 42.90
CA CYS B 560 3.93 -20.56 44.00
C CYS B 560 2.95 -19.77 44.88
N GLN B 561 3.23 -18.48 45.11
CA GLN B 561 2.31 -17.67 45.91
C GLN B 561 0.98 -17.54 45.19
N LEU B 562 1.01 -17.38 43.86
CA LEU B 562 -0.24 -17.28 43.12
C LEU B 562 -1.04 -18.57 43.29
N ILE B 563 -0.36 -19.71 43.19
CA ILE B 563 -1.05 -20.99 43.35
C ILE B 563 -1.61 -21.09 44.76
N ASN B 564 -0.81 -20.70 45.75
CA ASN B 564 -1.25 -20.74 47.15
C ASN B 564 -2.49 -19.91 47.39
N ASN B 565 -2.54 -18.74 46.78
CA ASN B 565 -3.68 -17.84 46.95
C ASN B 565 -3.73 -17.40 48.42
N ASP B 566 -2.56 -17.01 48.95
CA ASP B 566 -2.40 -16.60 50.35
C ASP B 566 -2.18 -15.09 50.57
N GLY B 567 -3.23 -14.29 50.46
CA GLY B 567 -3.10 -12.85 50.67
C GLY B 567 -2.47 -12.08 49.52
N THR B 568 -1.65 -11.10 49.87
CA THR B 568 -1.00 -10.27 48.85
C THR B 568 0.32 -10.87 48.37
N ILE B 569 0.58 -10.73 47.06
CA ILE B 569 1.82 -11.27 46.47
C ILE B 569 2.97 -10.30 46.67
N ILE B 570 3.93 -10.71 47.48
CA ILE B 570 5.09 -9.89 47.78
C ILE B 570 6.41 -10.51 47.33
N LEU B 571 7.30 -9.67 46.81
CA LEU B 571 8.61 -10.11 46.35
C LEU B 571 9.46 -10.33 47.61
N ALA B 572 10.39 -11.28 47.55
CA ALA B 572 11.32 -11.65 48.61
C ALA B 572 11.49 -13.17 48.69
S SO4 C . -44.81 7.34 -29.87
O1 SO4 C . -44.39 5.92 -30.21
O2 SO4 C . -45.27 8.03 -31.14
O3 SO4 C . -45.96 7.37 -28.88
O4 SO4 C . -43.59 8.02 -29.28
S SO4 D . -25.10 -11.58 -31.19
O1 SO4 D . -23.71 -12.18 -31.23
O2 SO4 D . -25.47 -11.13 -32.58
O3 SO4 D . -26.14 -12.58 -30.72
O4 SO4 D . -25.03 -10.45 -30.19
S SO4 E . 2.31 5.29 -38.19
O1 SO4 E . 2.69 3.82 -38.34
O2 SO4 E . 2.06 5.87 -39.55
O3 SO4 E . 1.05 5.46 -37.37
O4 SO4 E . 3.46 5.96 -37.47
S SO4 F . -9.94 12.72 -33.61
O1 SO4 F . -9.69 11.31 -34.13
O2 SO4 F . -8.85 13.64 -34.10
O3 SO4 F . -11.28 13.27 -34.09
O4 SO4 F . -9.98 12.63 -32.10
S SO4 G . -30.76 8.79 -40.65
O1 SO4 G . -30.68 7.66 -41.67
O2 SO4 G . -30.56 10.11 -41.35
O3 SO4 G . -32.12 8.81 -39.96
O4 SO4 G . -29.69 8.53 -39.61
S SO4 H . 23.77 -2.78 -20.78
O1 SO4 H . 22.78 -3.23 -19.72
O2 SO4 H . 23.85 -3.82 -21.87
O3 SO4 H . 23.34 -1.45 -21.41
O4 SO4 H . 25.10 -2.57 -20.07
S SO4 I . -17.90 3.07 -17.92
O1 SO4 I . -16.84 2.02 -18.03
O2 SO4 I . -18.79 3.01 -19.11
O3 SO4 I . -18.74 2.85 -16.69
O4 SO4 I . -17.21 4.40 -17.80
S SO4 J . -36.36 6.03 -11.92
O1 SO4 J . -35.37 6.15 -13.04
O2 SO4 J . -37.12 7.30 -11.83
O3 SO4 J . -37.32 4.91 -12.18
O4 SO4 J . -35.59 5.75 -10.65
S SO4 K . -36.39 1.15 -12.88
O1 SO4 K . -35.58 2.24 -13.56
O2 SO4 K . -37.09 1.75 -11.72
O3 SO4 K . -37.44 0.58 -13.79
O4 SO4 K . -35.43 0.07 -12.48
S SO4 L . 35.61 -10.27 10.99
O1 SO4 L . 36.81 -11.02 11.57
O2 SO4 L . 35.32 -10.81 9.61
O3 SO4 L . 34.38 -10.45 11.84
O4 SO4 L . 35.99 -8.79 10.98
S SO4 M . 17.20 -6.77 17.67
O1 SO4 M . 18.28 -7.81 17.80
O2 SO4 M . 16.75 -6.72 16.25
O3 SO4 M . 16.02 -7.10 18.53
O4 SO4 M . 17.79 -5.45 18.11
S SO4 N . -25.17 12.89 21.02
O1 SO4 N . -24.67 11.47 21.04
O2 SO4 N . -24.15 13.78 21.62
O3 SO4 N . -25.40 13.36 19.62
O4 SO4 N . -26.45 12.93 21.79
S SO4 O . -3.28 -28.58 48.66
O1 SO4 O . -2.56 -29.66 49.43
O2 SO4 O . -3.09 -28.84 47.18
O3 SO4 O . -4.76 -28.58 48.98
O4 SO4 O . -2.69 -27.27 49.09
S SO4 P . -23.41 4.19 20.12
O1 SO4 P . -22.11 4.54 20.80
O2 SO4 P . -23.50 2.70 19.98
O3 SO4 P . -24.60 4.64 20.94
O4 SO4 P . -23.43 4.89 18.81
S SO4 Q . -9.48 -14.28 37.97
O1 SO4 Q . -8.70 -15.57 38.06
O2 SO4 Q . -10.50 -14.41 36.87
O3 SO4 Q . -10.22 -13.98 39.27
O4 SO4 Q . -8.48 -13.17 37.72
#